data_6VQK
#
_entry.id   6VQK
#
_cell.length_a   1.00
_cell.length_b   1.00
_cell.length_c   1.00
_cell.angle_alpha   90.00
_cell.angle_beta   90.00
_cell.angle_gamma   90.00
#
_symmetry.space_group_name_H-M   'P 1'
#
loop_
_entity.id
_entity.type
_entity.pdbx_description
1 polymer 'V-type proton ATPase subunit C 1'
2 polymer 'V-type proton ATPase subunit E 1'
3 polymer 'V-type proton ATPase subunit G'
4 polymer 'V-type proton ATPase 116 kDa subunit a isoform 1'
#
loop_
_entity_poly.entity_id
_entity_poly.type
_entity_poly.pdbx_seq_one_letter_code
_entity_poly.pdbx_strand_id
1 'polypeptide(L)'
;MTEFWLISAPGEKTCQQTWEKLHAATTKNNNLAVSSKFNIPDLKVGTLDVLVGLSDELAKLDAFVEGVVKKVAQYMADVL
EDSKDKVQENLLASGVDLVTYITRFQWDMAKYPIKQSLKNISEIIAKGVTQIDNDLKSRASAYNNLKGNLQNLERKNAGS
LLTRSLAEIVKKDDFVLDSEYLVTLLVVVPKLNHNDWIKQYETLAEMVVPRSSNVLSEDQDSYLCNVTLFKKAVDDFRHK
ARENKFIVRDFQYNEEEMRADKEEMNRLSTDKKKQFGPLVRWLKVNFSEAFIAWIHIKALRVFVESVLRYGLPVNFQAML
LQPNKKSVKKLREVLHELYKHLDSSAAAIIDAPMDIPGLNLSQQEYYPYVYYKIDCNLLEFK
;
G
2 'polypeptide(L)'
;MALSDADVQKQIKHMMAFIEQEANEKAEEIDAKAEEEFNIEKGRLVQTQRLKIMEYYEKKEKQIEQQKKIQMSNLMNQAR
LKVLRARDDLITDLLNEAKQRLSKVVKDTTRYQVLLDGLVLQGLYQLLEPRMIVRCRKQDFPLVKAAVQKAIPMYKIATK
KDVDVQIDLEAYLPEDIAGGVEIYNGDRKIKVSNTLESRLDLIAQQMMPEVRGALFGANANRKFLD
;
I,J,K
3 'polypeptide(L)'
;MASQSQGIQQLLQAEKRAAEKVADARKRKARRLKQAKEEAQMEVEQYRREREQEFQSKQQAAMGSQGNLSAEVEQATRRQ
VQGMQSSQQRNRERVLTQLLGMVCDVRPQVHPNYRITV
;
M,N,O
4 'polypeptide(L)'
;MGELFRSEEMTLAQLFLQSEAAYCCVSELEELGKVQFRDLNPDVNVFQRKFVNEVRRCEEMDRKLRFVEKEIRKANIPIM
DTGENPEVPFPRDMIDLEANFEKIENELKEINTNQEALKRNFLELTELKFILRKTQQFFDEMADPDLLEESSSLLEPNEM
GRGAPLRLGFVAGVINRERIPTFERMLWRVCRGNVFLRQAEIENPLEDPVTGDYVHKSVFIIFFQGDQLKNRVKKICEGF
RASLYPCPETPQERKEMASGVNTRIDDLQMVLNQTEDHRQRVLQAAAKNIRVWFIKVRKMKAIYHTLNLCNIDVTQKCLI
AEVWCPVTDLDSIQFALRRGTEHSGSTVPSILNRMQTNQTPPTYNKTNKFTHGFQNIVDAYGIGTYREINPAPYTVITFP
FLFAVMFGDFGHGILMTLFAVWMVLRESRILSQKNENEMFSMVFSGRYIILLMGLFSIYTGLIYNDCFSKSLNIFGSSWS
VRPMFTIGNWTEETLLGSSVLQLNPAIPGVFGGPYPFGIDPIWNIATNKLTFLNSFKMKMSVILGIIHMLFGVSLSLFNH
IYFKKPLNIYFGFIPEIIFMSSLFGYLVILIFYKWTAYDAHSSRNAPSLLIHFINMFLFSYPESGNAMLYSGQKGIQCFL
IVVAMLCVPWMLLFKPLILRHQYLRKKHLGTLNFGGIRVGNGPTEEDAEIIQHDQLSTHSEDAEEPTEDEVFDFGDTMVH
QAIHTIEYCLGCISNTASYLRLWALSLAHAQLSEVLWTMVIHIGLHVRSLAGGLGLFFIFAAFATLTVAILLIMEGLSAF
LHALRLHWVEFQNKFYTGTGFKFLPFSFEHIREGKFDE
;
a
#
# COMPACT_ATOMS: atom_id res chain seq x y z
N THR A 2 -26.15 0.87 -38.82
CA THR A 2 -26.22 -0.42 -39.49
C THR A 2 -25.16 -1.36 -38.92
N GLU A 3 -25.59 -2.51 -38.43
CA GLU A 3 -24.70 -3.50 -37.85
C GLU A 3 -24.26 -4.47 -38.94
N PHE A 4 -22.99 -4.87 -38.90
CA PHE A 4 -22.49 -5.89 -39.81
C PHE A 4 -21.84 -7.06 -39.09
N TRP A 5 -21.90 -8.24 -39.71
CA TRP A 5 -21.21 -9.38 -39.16
C TRP A 5 -20.02 -9.66 -40.04
N LEU A 6 -18.87 -9.83 -39.41
CA LEU A 6 -17.61 -10.12 -40.07
C LEU A 6 -17.32 -11.60 -39.92
N ILE A 7 -17.43 -12.36 -41.01
CA ILE A 7 -17.31 -13.80 -40.87
C ILE A 7 -16.37 -14.33 -41.93
N SER A 8 -15.62 -15.35 -41.57
CA SER A 8 -14.67 -15.96 -42.48
C SER A 8 -14.77 -17.46 -42.37
N ALA A 9 -14.82 -18.10 -43.52
CA ALA A 9 -14.94 -19.52 -43.76
C ALA A 9 -13.62 -20.07 -44.23
N PRO A 10 -13.43 -21.39 -44.18
CA PRO A 10 -12.12 -21.94 -44.59
C PRO A 10 -11.76 -21.42 -45.97
N GLY A 11 -12.75 -21.31 -46.85
CA GLY A 11 -12.46 -20.87 -48.20
C GLY A 11 -11.70 -21.88 -49.01
N GLU A 12 -11.85 -23.16 -48.71
CA GLU A 12 -11.06 -24.16 -49.42
C GLU A 12 -11.40 -24.18 -50.91
N LYS A 13 -12.66 -24.00 -51.26
CA LYS A 13 -13.02 -24.07 -52.66
C LYS A 13 -13.37 -22.68 -53.16
N THR A 14 -13.15 -22.43 -54.46
CA THR A 14 -13.55 -21.12 -54.92
C THR A 14 -15.05 -21.03 -54.98
N CYS A 15 -15.69 -22.20 -54.91
CA CYS A 15 -17.14 -22.29 -54.95
C CYS A 15 -17.69 -21.74 -53.66
N GLN A 16 -16.80 -21.52 -52.68
CA GLN A 16 -17.28 -21.01 -51.41
C GLN A 16 -17.88 -19.66 -51.63
N GLN A 17 -17.34 -18.89 -52.58
CA GLN A 17 -17.89 -17.55 -52.70
C GLN A 17 -19.32 -17.68 -53.15
N THR A 18 -19.57 -18.62 -54.06
CA THR A 18 -20.92 -18.78 -54.56
C THR A 18 -21.72 -19.47 -53.47
N TRP A 19 -21.05 -20.38 -52.77
CA TRP A 19 -21.72 -21.10 -51.69
C TRP A 19 -22.14 -20.09 -50.66
N GLU A 20 -21.30 -19.09 -50.46
CA GLU A 20 -21.56 -18.10 -49.44
C GLU A 20 -22.61 -17.14 -49.96
N LYS A 21 -22.54 -16.82 -51.24
CA LYS A 21 -23.23 -15.68 -51.82
C LYS A 21 -24.29 -16.06 -52.83
N LEU A 22 -24.10 -17.16 -53.56
CA LEU A 22 -24.83 -17.39 -54.81
C LEU A 22 -25.91 -18.44 -54.60
N HIS A 23 -25.60 -19.51 -53.88
CA HIS A 23 -26.47 -20.66 -53.79
C HIS A 23 -27.39 -20.42 -52.60
N ALA A 24 -28.69 -20.30 -52.87
CA ALA A 24 -29.65 -19.91 -51.84
C ALA A 24 -29.62 -20.82 -50.63
N ALA A 25 -29.37 -22.12 -50.80
CA ALA A 25 -29.44 -23.03 -49.66
C ALA A 25 -28.49 -22.61 -48.56
N THR A 26 -27.34 -22.06 -48.94
CA THR A 26 -26.31 -21.68 -47.98
C THR A 26 -25.98 -20.20 -48.02
N THR A 27 -26.50 -19.46 -48.99
CA THR A 27 -26.16 -18.05 -49.07
C THR A 27 -26.86 -17.31 -47.95
N LYS A 28 -26.23 -16.24 -47.47
CA LYS A 28 -26.71 -15.59 -46.26
C LYS A 28 -28.13 -15.09 -46.50
N ASN A 29 -29.09 -15.61 -45.74
CA ASN A 29 -30.48 -15.22 -45.90
C ASN A 29 -30.89 -15.41 -47.34
N ASN A 30 -30.48 -16.54 -47.92
CA ASN A 30 -30.93 -16.93 -49.26
C ASN A 30 -30.53 -15.85 -50.26
N ASN A 31 -29.35 -15.24 -50.03
CA ASN A 31 -28.76 -14.24 -50.90
C ASN A 31 -29.53 -12.93 -50.88
N LEU A 32 -30.33 -12.70 -49.84
CA LEU A 32 -30.98 -11.40 -49.65
C LEU A 32 -30.13 -10.45 -48.80
N ALA A 33 -29.27 -10.99 -47.93
CA ALA A 33 -28.50 -10.16 -47.03
C ALA A 33 -27.27 -9.70 -47.80
N VAL A 34 -26.70 -8.55 -47.42
CA VAL A 34 -25.56 -8.09 -48.21
C VAL A 34 -24.28 -8.76 -47.72
N SER A 35 -23.53 -9.37 -48.64
CA SER A 35 -22.30 -10.05 -48.24
C SER A 35 -21.18 -9.68 -49.20
N SER A 36 -20.21 -8.94 -48.71
CA SER A 36 -19.11 -8.46 -49.53
C SER A 36 -17.78 -9.00 -49.06
N LYS A 37 -16.83 -9.16 -49.99
CA LYS A 37 -15.58 -9.83 -49.70
C LYS A 37 -14.66 -8.75 -49.11
N PHE A 38 -13.80 -9.13 -48.18
CA PHE A 38 -12.72 -8.25 -47.76
C PHE A 38 -11.50 -8.36 -48.65
N ASN A 39 -10.93 -7.22 -49.03
CA ASN A 39 -9.67 -7.22 -49.76
C ASN A 39 -8.61 -7.01 -48.68
N ILE A 40 -7.88 -8.08 -48.41
CA ILE A 40 -6.87 -8.12 -47.36
C ILE A 40 -5.53 -8.46 -48.00
N PRO A 41 -4.46 -7.73 -47.73
CA PRO A 41 -3.20 -8.05 -48.39
C PRO A 41 -2.72 -9.40 -47.87
N ASP A 42 -1.80 -9.99 -48.61
CA ASP A 42 -1.30 -11.32 -48.25
C ASP A 42 -0.26 -11.16 -47.16
N LEU A 43 -0.66 -11.39 -45.92
CA LEU A 43 0.28 -11.32 -44.82
C LEU A 43 0.52 -12.71 -44.24
N LYS A 44 1.64 -12.84 -43.53
CA LYS A 44 2.06 -14.11 -42.98
C LYS A 44 2.10 -14.06 -41.46
N VAL A 45 1.88 -15.22 -40.85
CA VAL A 45 2.00 -15.41 -39.42
C VAL A 45 3.24 -16.26 -39.19
N GLY A 46 4.14 -15.78 -38.34
CA GLY A 46 5.39 -16.51 -38.22
C GLY A 46 5.08 -17.81 -37.53
N THR A 47 4.72 -17.74 -36.25
CA THR A 47 4.65 -18.93 -35.44
C THR A 47 3.28 -19.00 -34.81
N LEU A 48 3.02 -20.10 -34.11
CA LEU A 48 1.69 -20.26 -33.56
C LEU A 48 1.63 -19.40 -32.32
N ASP A 49 2.78 -19.30 -31.66
CA ASP A 49 2.87 -18.61 -30.38
C ASP A 49 2.65 -17.13 -30.63
N VAL A 50 3.17 -16.67 -31.76
CA VAL A 50 3.01 -15.28 -32.13
C VAL A 50 1.59 -15.10 -32.58
N LEU A 51 1.03 -16.14 -33.20
CA LEU A 51 -0.33 -16.04 -33.66
C LEU A 51 -1.24 -15.76 -32.46
N VAL A 52 -1.06 -16.54 -31.40
CA VAL A 52 -1.87 -16.41 -30.18
C VAL A 52 -1.63 -15.05 -29.54
N GLY A 53 -0.37 -14.63 -29.49
CA GLY A 53 -0.10 -13.37 -28.84
C GLY A 53 -0.87 -12.32 -29.62
N LEU A 54 -0.78 -12.40 -30.93
CA LEU A 54 -1.37 -11.41 -31.81
C LEU A 54 -2.86 -11.40 -31.55
N SER A 55 -3.43 -12.59 -31.37
CA SER A 55 -4.86 -12.73 -31.18
C SER A 55 -5.28 -11.93 -29.97
N ASP A 56 -4.52 -12.06 -28.88
CA ASP A 56 -4.94 -11.42 -27.64
C ASP A 56 -4.70 -9.93 -27.76
N GLU A 57 -3.58 -9.57 -28.38
CA GLU A 57 -3.17 -8.18 -28.43
C GLU A 57 -4.14 -7.42 -29.30
N LEU A 58 -4.59 -8.05 -30.38
CA LEU A 58 -5.52 -7.42 -31.29
C LEU A 58 -6.88 -7.32 -30.65
N ALA A 59 -7.26 -8.31 -29.84
CA ALA A 59 -8.55 -8.17 -29.20
C ALA A 59 -8.52 -6.95 -28.29
N LYS A 60 -7.40 -6.78 -27.60
CA LYS A 60 -7.26 -5.66 -26.67
C LYS A 60 -7.24 -4.35 -27.43
N LEU A 61 -6.49 -4.32 -28.52
CA LEU A 61 -6.32 -3.11 -29.31
C LEU A 61 -7.64 -2.76 -29.99
N ASP A 62 -8.36 -3.77 -30.43
CA ASP A 62 -9.63 -3.55 -31.11
C ASP A 62 -10.57 -2.87 -30.14
N ALA A 63 -10.68 -3.41 -28.92
CA ALA A 63 -11.58 -2.79 -27.96
C ALA A 63 -11.12 -1.38 -27.66
N PHE A 64 -9.80 -1.18 -27.59
CA PHE A 64 -9.27 0.14 -27.30
C PHE A 64 -9.74 1.11 -28.37
N VAL A 65 -9.53 0.74 -29.63
CA VAL A 65 -9.81 1.68 -30.71
C VAL A 65 -11.31 1.89 -30.79
N GLU A 66 -12.09 0.83 -30.61
CA GLU A 66 -13.53 0.99 -30.67
C GLU A 66 -13.98 2.01 -29.63
N GLY A 67 -13.38 1.92 -28.44
CA GLY A 67 -13.70 2.89 -27.40
C GLY A 67 -13.32 4.29 -27.80
N VAL A 68 -12.16 4.42 -28.45
CA VAL A 68 -11.72 5.75 -28.86
C VAL A 68 -12.71 6.31 -29.87
N VAL A 69 -13.12 5.46 -30.82
CA VAL A 69 -14.03 5.88 -31.87
C VAL A 69 -15.31 6.40 -31.24
N LYS A 70 -15.77 5.69 -30.21
CA LYS A 70 -16.97 6.10 -29.49
C LYS A 70 -16.73 7.43 -28.80
N LYS A 71 -15.53 7.60 -28.25
CA LYS A 71 -15.24 8.79 -27.46
C LYS A 71 -15.26 10.00 -28.37
N VAL A 72 -14.67 9.87 -29.55
CA VAL A 72 -14.52 10.99 -30.46
C VAL A 72 -15.87 11.26 -31.10
N ALA A 73 -16.63 10.21 -31.36
CA ALA A 73 -17.94 10.40 -31.95
C ALA A 73 -18.84 11.13 -30.96
N GLN A 74 -18.76 10.77 -29.68
CA GLN A 74 -19.59 11.42 -28.67
C GLN A 74 -19.15 12.87 -28.51
N TYR A 75 -17.84 13.11 -28.63
CA TYR A 75 -17.35 14.47 -28.55
C TYR A 75 -18.00 15.28 -29.65
N MET A 76 -17.95 14.76 -30.88
CA MET A 76 -18.51 15.51 -31.99
C MET A 76 -20.00 15.65 -31.81
N ALA A 77 -20.64 14.64 -31.21
CA ALA A 77 -22.07 14.69 -30.95
C ALA A 77 -22.37 15.87 -30.05
N ASP A 78 -21.46 16.14 -29.12
CA ASP A 78 -21.64 17.29 -28.25
C ASP A 78 -21.43 18.53 -29.09
N VAL A 79 -20.48 18.46 -30.01
CA VAL A 79 -20.21 19.55 -30.95
C VAL A 79 -21.39 19.75 -31.89
N LEU A 80 -22.07 18.65 -32.29
CA LEU A 80 -23.21 18.72 -33.21
C LEU A 80 -22.75 19.06 -34.62
N GLU A 81 -21.57 18.56 -34.98
CA GLU A 81 -20.96 18.68 -36.31
C GLU A 81 -20.81 17.34 -37.05
N ASP A 82 -21.71 17.11 -38.01
CA ASP A 82 -21.84 15.88 -38.82
C ASP A 82 -22.23 14.64 -38.04
N SER A 83 -22.67 14.80 -36.80
CA SER A 83 -23.20 13.68 -36.04
C SER A 83 -24.10 14.22 -34.95
N LYS A 84 -25.21 13.51 -34.67
CA LYS A 84 -26.15 13.88 -33.62
C LYS A 84 -26.57 12.61 -32.88
N ASP A 85 -27.48 12.77 -31.93
CA ASP A 85 -27.89 11.60 -31.16
C ASP A 85 -28.93 10.80 -31.91
N LYS A 86 -29.73 11.48 -32.74
CA LYS A 86 -30.83 10.85 -33.46
C LYS A 86 -30.41 10.33 -34.83
N VAL A 87 -29.44 11.01 -35.47
CA VAL A 87 -28.99 10.73 -36.82
C VAL A 87 -27.47 10.71 -36.84
N GLN A 88 -26.92 10.06 -37.87
CA GLN A 88 -25.48 10.08 -38.10
C GLN A 88 -24.72 9.55 -36.88
N GLU A 89 -25.21 8.43 -36.31
CA GLU A 89 -24.51 7.85 -35.17
C GLU A 89 -23.25 7.12 -35.63
N ASN A 90 -23.31 6.41 -36.76
CA ASN A 90 -22.14 5.68 -37.23
C ASN A 90 -21.17 6.71 -37.81
N LEU A 91 -19.87 6.49 -37.59
CA LEU A 91 -18.90 7.38 -38.23
C LEU A 91 -18.64 6.99 -39.67
N LEU A 92 -18.23 7.98 -40.47
CA LEU A 92 -17.86 7.66 -41.83
C LEU A 92 -16.37 7.37 -41.94
N ALA A 93 -16.04 6.52 -42.89
CA ALA A 93 -14.68 6.09 -43.17
C ALA A 93 -14.19 6.90 -44.36
N SER A 94 -13.25 7.82 -44.15
CA SER A 94 -12.78 8.59 -45.29
C SER A 94 -13.95 9.35 -45.90
N GLY A 95 -14.92 9.69 -45.06
CA GLY A 95 -15.97 10.60 -45.44
C GLY A 95 -17.16 9.91 -46.07
N VAL A 96 -17.18 8.58 -46.10
CA VAL A 96 -18.30 7.82 -46.63
C VAL A 96 -18.68 6.83 -45.55
N ASP A 97 -19.88 6.27 -45.68
CA ASP A 97 -20.36 5.27 -44.74
C ASP A 97 -19.62 3.94 -44.82
N LEU A 98 -19.78 3.17 -43.75
CA LEU A 98 -19.11 1.88 -43.65
C LEU A 98 -19.60 0.99 -44.76
N VAL A 99 -20.86 1.14 -45.14
CA VAL A 99 -21.41 0.31 -46.20
C VAL A 99 -20.66 0.60 -47.47
N THR A 100 -20.37 1.88 -47.71
CA THR A 100 -19.61 2.24 -48.89
C THR A 100 -18.20 1.73 -48.71
N TYR A 101 -17.67 1.86 -47.50
CA TYR A 101 -16.27 1.56 -47.29
C TYR A 101 -16.06 0.07 -47.48
N ILE A 102 -16.97 -0.71 -46.93
CA ILE A 102 -16.89 -2.16 -46.99
C ILE A 102 -17.08 -2.59 -48.42
N THR A 103 -17.89 -1.86 -49.18
CA THR A 103 -18.05 -2.20 -50.59
C THR A 103 -16.69 -2.17 -51.26
N ARG A 104 -15.87 -1.20 -50.91
CA ARG A 104 -14.54 -1.02 -51.45
C ARG A 104 -13.47 -1.29 -50.40
N PHE A 105 -13.73 -2.21 -49.47
CA PHE A 105 -12.79 -2.45 -48.38
C PHE A 105 -11.48 -3.02 -48.91
N GLN A 106 -10.38 -2.48 -48.40
CA GLN A 106 -9.03 -3.00 -48.56
C GLN A 106 -8.24 -2.77 -47.28
N TRP A 107 -7.20 -3.57 -47.07
CA TRP A 107 -6.25 -3.23 -46.02
C TRP A 107 -5.46 -2.03 -46.55
N ASP A 108 -5.36 -0.99 -45.73
CA ASP A 108 -4.74 0.28 -46.10
C ASP A 108 -3.24 0.42 -45.84
N MET A 109 -2.46 0.42 -46.93
CA MET A 109 -1.02 0.52 -46.82
C MET A 109 -0.61 1.86 -46.24
N ALA A 110 -1.54 2.82 -46.25
CA ALA A 110 -1.34 4.15 -45.71
C ALA A 110 -1.24 4.15 -44.20
N LYS A 111 -1.81 3.15 -43.54
CA LYS A 111 -1.78 3.12 -42.10
C LYS A 111 -0.66 2.23 -41.63
N TYR A 112 -0.39 1.17 -42.39
CA TYR A 112 0.72 0.29 -42.11
C TYR A 112 1.08 -0.43 -43.39
N PRO A 113 2.37 -0.47 -43.74
CA PRO A 113 2.79 -1.19 -44.94
C PRO A 113 2.43 -2.66 -44.89
N ILE A 114 2.00 -3.20 -46.02
CA ILE A 114 1.62 -4.60 -45.98
C ILE A 114 2.83 -5.50 -45.88
N LYS A 115 4.02 -4.94 -46.00
CA LYS A 115 5.25 -5.73 -45.93
C LYS A 115 5.76 -5.82 -44.51
N GLN A 116 5.07 -5.19 -43.57
CA GLN A 116 5.42 -5.22 -42.17
C GLN A 116 4.98 -6.52 -41.53
N SER A 117 5.69 -6.91 -40.47
CA SER A 117 5.31 -8.12 -39.78
C SER A 117 4.09 -7.81 -38.95
N LEU A 118 3.44 -8.84 -38.42
CA LEU A 118 2.21 -8.52 -37.71
C LEU A 118 2.50 -7.67 -36.51
N LYS A 119 3.66 -7.89 -35.88
CA LYS A 119 3.95 -7.16 -34.66
C LYS A 119 3.97 -5.69 -35.02
N ASN A 120 4.74 -5.39 -36.06
CA ASN A 120 5.00 -4.00 -36.40
C ASN A 120 3.72 -3.36 -36.88
N ILE A 121 2.89 -4.12 -37.60
CA ILE A 121 1.70 -3.49 -38.13
C ILE A 121 0.79 -3.13 -36.97
N SER A 122 0.64 -4.08 -36.04
CA SER A 122 -0.29 -3.89 -34.95
C SER A 122 0.18 -2.71 -34.11
N GLU A 123 1.49 -2.58 -34.01
CA GLU A 123 2.09 -1.50 -33.25
C GLU A 123 1.84 -0.16 -33.91
N ILE A 124 1.98 -0.10 -35.23
CA ILE A 124 1.78 1.17 -35.93
C ILE A 124 0.35 1.60 -35.76
N ILE A 125 -0.58 0.68 -35.90
CA ILE A 125 -1.95 1.10 -35.76
C ILE A 125 -2.16 1.55 -34.33
N ALA A 126 -1.65 0.77 -33.37
CA ALA A 126 -1.90 1.06 -31.97
C ALA A 126 -1.38 2.45 -31.65
N LYS A 127 -0.20 2.77 -32.18
CA LYS A 127 0.43 4.05 -31.93
C LYS A 127 -0.45 5.13 -32.52
N GLY A 128 -1.01 4.85 -33.70
CA GLY A 128 -1.82 5.84 -34.37
C GLY A 128 -3.02 6.17 -33.53
N VAL A 129 -3.71 5.14 -33.06
CA VAL A 129 -4.94 5.38 -32.32
C VAL A 129 -4.58 6.05 -31.00
N THR A 130 -3.48 5.63 -30.38
CA THR A 130 -3.15 6.22 -29.10
C THR A 130 -2.95 7.70 -29.28
N GLN A 131 -2.26 8.05 -30.36
CA GLN A 131 -1.97 9.45 -30.63
C GLN A 131 -3.26 10.19 -30.87
N ILE A 132 -4.18 9.54 -31.60
CA ILE A 132 -5.44 10.18 -31.94
C ILE A 132 -6.20 10.47 -30.66
N ASP A 133 -6.20 9.50 -29.74
CA ASP A 133 -6.89 9.69 -28.49
C ASP A 133 -6.28 10.84 -27.71
N ASN A 134 -4.95 10.95 -27.72
CA ASN A 134 -4.40 12.02 -26.93
C ASN A 134 -4.71 13.36 -27.58
N ASP A 135 -4.78 13.39 -28.91
CA ASP A 135 -5.03 14.64 -29.58
C ASP A 135 -6.45 15.06 -29.25
N LEU A 136 -7.32 14.06 -29.15
CA LEU A 136 -8.70 14.35 -28.86
C LEU A 136 -8.77 14.88 -27.44
N LYS A 137 -8.04 14.24 -26.53
CA LYS A 137 -8.07 14.66 -25.13
C LYS A 137 -7.72 16.13 -25.02
N SER A 138 -6.71 16.55 -25.80
CA SER A 138 -6.29 17.94 -25.75
C SER A 138 -7.34 18.86 -26.35
N ARG A 139 -7.83 18.53 -27.54
CA ARG A 139 -8.75 19.45 -28.19
C ARG A 139 -10.04 19.51 -27.40
N ALA A 140 -10.48 18.36 -26.87
CA ALA A 140 -11.75 18.31 -26.16
C ALA A 140 -11.63 19.12 -24.89
N SER A 141 -10.44 19.09 -24.27
CA SER A 141 -10.25 19.82 -23.02
C SER A 141 -10.38 21.30 -23.32
N ALA A 142 -9.75 21.72 -24.41
CA ALA A 142 -9.78 23.12 -24.82
C ALA A 142 -11.20 23.55 -25.13
N TYR A 143 -11.95 22.70 -25.81
CA TYR A 143 -13.32 23.08 -26.15
C TYR A 143 -14.18 23.11 -24.91
N ASN A 144 -14.05 22.10 -24.03
CA ASN A 144 -14.91 22.06 -22.87
C ASN A 144 -14.62 23.25 -21.97
N ASN A 145 -13.35 23.66 -21.94
CA ASN A 145 -12.92 24.81 -21.16
C ASN A 145 -13.55 26.09 -21.67
N LEU A 146 -13.50 26.29 -23.00
CA LEU A 146 -14.12 27.48 -23.57
C LEU A 146 -15.63 27.44 -23.39
N LYS A 147 -16.23 26.26 -23.54
CA LYS A 147 -17.67 26.14 -23.45
C LYS A 147 -18.14 26.50 -22.05
N GLY A 148 -17.47 25.97 -21.03
CA GLY A 148 -17.90 26.26 -19.68
C GLY A 148 -17.65 27.70 -19.34
N ASN A 149 -16.48 28.23 -19.72
CA ASN A 149 -16.17 29.58 -19.29
C ASN A 149 -17.13 30.57 -19.96
N LEU A 150 -17.47 30.29 -21.22
CA LEU A 150 -18.41 31.13 -21.95
C LEU A 150 -19.76 31.10 -21.28
N GLN A 151 -20.25 29.89 -20.96
CA GLN A 151 -21.57 29.82 -20.34
C GLN A 151 -21.54 30.54 -19.02
N ASN A 152 -20.43 30.42 -18.27
CA ASN A 152 -20.35 31.03 -16.95
C ASN A 152 -20.45 32.54 -17.07
N LEU A 153 -19.87 33.10 -18.14
CA LEU A 153 -19.96 34.54 -18.33
C LEU A 153 -21.35 34.95 -18.77
N GLU A 154 -21.99 34.12 -19.59
CA GLU A 154 -23.34 34.42 -20.02
C GLU A 154 -24.27 34.40 -18.82
N ARG A 155 -24.05 33.45 -17.93
CA ARG A 155 -24.85 33.30 -16.72
C ARG A 155 -24.61 34.45 -15.77
N LYS A 156 -23.37 34.92 -15.68
CA LYS A 156 -23.07 35.99 -14.74
C LYS A 156 -23.96 37.20 -15.01
N ASN A 157 -24.21 37.52 -16.27
CA ASN A 157 -24.99 38.70 -16.60
C ASN A 157 -26.45 38.34 -16.84
N ALA A 158 -26.84 37.14 -16.44
CA ALA A 158 -28.20 36.62 -16.50
C ALA A 158 -28.81 36.57 -15.12
N GLY A 159 -30.11 36.38 -15.06
CA GLY A 159 -30.78 36.18 -13.80
C GLY A 159 -31.63 37.37 -13.39
N SER A 160 -32.17 37.24 -12.19
CA SER A 160 -33.09 38.21 -11.63
C SER A 160 -32.31 39.39 -11.06
N LEU A 161 -33.03 40.43 -10.66
CA LEU A 161 -32.34 41.63 -10.21
C LEU A 161 -31.55 41.41 -8.93
N LEU A 162 -31.74 40.31 -8.20
CA LEU A 162 -30.95 40.15 -6.99
C LEU A 162 -29.52 39.74 -7.32
N THR A 163 -29.32 38.94 -8.37
CA THR A 163 -28.02 38.35 -8.63
C THR A 163 -27.48 38.68 -10.01
N ARG A 164 -28.34 39.11 -10.94
CA ARG A 164 -27.91 39.35 -12.31
C ARG A 164 -26.87 40.44 -12.35
N SER A 165 -25.85 40.26 -13.17
CA SER A 165 -24.84 41.30 -13.27
C SER A 165 -25.51 42.59 -13.73
N LEU A 166 -25.03 43.71 -13.22
CA LEU A 166 -25.63 44.99 -13.59
C LEU A 166 -25.09 45.48 -14.92
N ALA A 167 -24.15 44.73 -15.50
CA ALA A 167 -23.39 45.19 -16.65
C ALA A 167 -24.31 45.61 -17.78
N GLU A 168 -25.43 44.90 -17.95
CA GLU A 168 -26.29 45.14 -19.09
C GLU A 168 -27.46 46.02 -18.68
N ILE A 169 -27.45 46.47 -17.44
CA ILE A 169 -28.56 47.16 -16.82
C ILE A 169 -28.22 48.63 -16.62
N VAL A 170 -27.08 48.89 -15.97
CA VAL A 170 -26.69 50.21 -15.47
C VAL A 170 -25.97 50.95 -16.59
N LYS A 171 -26.24 52.24 -16.73
CA LYS A 171 -25.54 53.06 -17.71
C LYS A 171 -24.73 54.13 -17.02
N LYS A 172 -23.75 54.67 -17.75
CA LYS A 172 -22.92 55.75 -17.20
C LYS A 172 -23.78 56.96 -16.90
N ASP A 173 -24.88 57.11 -17.63
CA ASP A 173 -25.77 58.24 -17.62
C ASP A 173 -26.74 58.20 -16.45
N ASP A 174 -26.66 57.18 -15.58
CA ASP A 174 -27.52 57.10 -14.42
C ASP A 174 -26.89 57.66 -13.15
N PHE A 175 -25.60 58.00 -13.16
CA PHE A 175 -24.92 58.35 -11.93
C PHE A 175 -24.34 59.75 -12.06
N VAL A 176 -24.23 60.44 -10.92
CA VAL A 176 -23.42 61.65 -10.79
C VAL A 176 -22.02 61.24 -10.35
N LEU A 177 -21.05 61.35 -11.26
CA LEU A 177 -19.72 60.80 -11.08
C LEU A 177 -18.78 61.87 -10.53
N ASP A 178 -17.76 61.43 -9.78
CA ASP A 178 -16.78 62.34 -9.20
C ASP A 178 -17.44 63.44 -8.37
N SER A 179 -18.48 63.07 -7.62
CA SER A 179 -19.20 64.01 -6.77
C SER A 179 -18.36 64.32 -5.55
N GLU A 180 -18.53 65.54 -5.02
CA GLU A 180 -17.79 65.90 -3.82
C GLU A 180 -18.32 65.17 -2.59
N TYR A 181 -19.65 65.08 -2.44
CA TYR A 181 -20.17 64.62 -1.16
C TYR A 181 -21.32 63.63 -1.28
N LEU A 182 -21.72 63.25 -2.48
CA LEU A 182 -22.80 62.29 -2.66
C LEU A 182 -22.29 60.90 -3.02
N VAL A 183 -23.09 59.90 -2.63
CA VAL A 183 -22.85 58.49 -2.92
C VAL A 183 -24.15 57.99 -3.54
N THR A 184 -24.05 57.04 -4.47
CA THR A 184 -25.24 56.42 -5.03
C THR A 184 -25.46 54.99 -4.55
N LEU A 185 -26.67 54.71 -4.07
CA LEU A 185 -27.09 53.42 -3.56
C LEU A 185 -28.06 52.83 -4.57
N LEU A 186 -28.12 51.51 -4.69
CA LEU A 186 -29.11 50.89 -5.55
C LEU A 186 -30.11 50.11 -4.71
N VAL A 187 -31.40 50.27 -4.97
CA VAL A 187 -32.40 49.62 -4.14
C VAL A 187 -33.30 48.82 -5.07
N VAL A 188 -33.52 47.56 -4.72
CA VAL A 188 -34.45 46.68 -5.40
C VAL A 188 -35.72 46.67 -4.56
N VAL A 189 -36.81 47.15 -5.14
CA VAL A 189 -38.02 47.36 -4.35
C VAL A 189 -39.07 46.38 -4.84
N PRO A 190 -39.82 45.75 -3.93
CA PRO A 190 -40.89 44.85 -4.36
C PRO A 190 -41.87 45.60 -5.22
N LYS A 191 -42.41 44.91 -6.22
CA LYS A 191 -43.40 45.55 -7.09
C LYS A 191 -44.53 46.17 -6.27
N LEU A 192 -44.93 45.50 -5.19
CA LEU A 192 -46.08 45.96 -4.43
C LEU A 192 -45.77 47.25 -3.71
N ASN A 193 -44.49 47.54 -3.52
CA ASN A 193 -44.03 48.74 -2.84
C ASN A 193 -43.30 49.66 -3.79
N HIS A 194 -43.51 49.50 -5.10
CA HIS A 194 -42.79 50.34 -6.06
C HIS A 194 -43.15 51.80 -5.83
N ASN A 195 -44.44 52.11 -5.79
CA ASN A 195 -44.79 53.51 -5.69
C ASN A 195 -44.41 53.94 -4.29
N ASP A 196 -44.51 53.00 -3.36
CA ASP A 196 -44.20 53.27 -1.96
C ASP A 196 -42.75 53.68 -1.85
N TRP A 197 -41.87 52.97 -2.57
CA TRP A 197 -40.45 53.29 -2.46
C TRP A 197 -40.26 54.67 -3.03
N ILE A 198 -40.92 54.98 -4.15
CA ILE A 198 -40.63 56.22 -4.86
C ILE A 198 -40.82 57.34 -3.87
N LYS A 199 -41.83 57.21 -3.00
CA LYS A 199 -42.08 58.18 -1.95
C LYS A 199 -41.27 57.86 -0.70
N GLN A 200 -41.24 56.59 -0.29
CA GLN A 200 -40.78 56.33 1.07
C GLN A 200 -39.31 56.65 1.17
N TYR A 201 -38.56 56.43 0.08
CA TYR A 201 -37.11 56.52 0.17
C TYR A 201 -36.73 57.91 0.66
N GLU A 202 -37.59 58.90 0.41
CA GLU A 202 -37.28 60.29 0.76
C GLU A 202 -37.06 60.45 2.26
N THR A 203 -37.72 59.64 3.07
CA THR A 203 -37.74 59.80 4.51
C THR A 203 -36.91 58.74 5.21
N LEU A 204 -36.17 57.94 4.45
CA LEU A 204 -35.30 56.92 5.04
C LEU A 204 -34.00 57.50 5.58
N ALA A 205 -33.63 58.72 5.18
CA ALA A 205 -32.44 59.33 5.73
C ALA A 205 -32.56 60.85 5.71
N GLU A 206 -31.73 61.47 6.55
CA GLU A 206 -31.50 62.90 6.59
C GLU A 206 -30.59 63.33 5.45
N MET A 207 -30.76 64.59 5.02
CA MET A 207 -29.89 65.20 4.01
C MET A 207 -30.01 64.53 2.64
N VAL A 208 -31.25 64.25 2.23
CA VAL A 208 -31.53 63.70 0.90
C VAL A 208 -31.90 64.82 -0.06
N VAL A 209 -31.34 64.76 -1.27
CA VAL A 209 -31.50 65.72 -2.35
C VAL A 209 -32.88 65.60 -2.98
N PRO A 210 -33.65 66.70 -3.06
CA PRO A 210 -35.04 66.60 -3.55
C PRO A 210 -35.10 66.29 -5.03
N ARG A 211 -36.04 65.41 -5.39
CA ARG A 211 -36.39 65.08 -6.77
C ARG A 211 -35.20 64.49 -7.50
N SER A 212 -34.22 63.98 -6.76
CA SER A 212 -33.11 63.27 -7.37
C SER A 212 -33.43 61.82 -7.69
N SER A 213 -34.53 61.28 -7.17
CA SER A 213 -34.76 59.86 -7.39
C SER A 213 -35.30 59.62 -8.79
N ASN A 214 -35.14 58.39 -9.26
CA ASN A 214 -35.75 57.95 -10.52
C ASN A 214 -35.81 56.44 -10.51
N VAL A 215 -36.35 55.88 -11.58
CA VAL A 215 -36.39 54.43 -11.78
C VAL A 215 -35.32 54.08 -12.79
N LEU A 216 -34.43 53.16 -12.45
CA LEU A 216 -33.38 52.84 -13.41
C LEU A 216 -33.78 51.67 -14.30
N SER A 217 -34.48 50.69 -13.74
CA SER A 217 -34.92 49.54 -14.51
C SER A 217 -36.09 48.90 -13.80
N GLU A 218 -36.79 48.01 -14.51
CA GLU A 218 -37.94 47.32 -13.95
C GLU A 218 -37.83 45.83 -14.25
N ASP A 219 -38.40 45.01 -13.37
CA ASP A 219 -38.46 43.57 -13.61
C ASP A 219 -39.89 43.13 -13.31
N GLN A 220 -40.17 41.83 -13.45
CA GLN A 220 -41.55 41.43 -13.18
C GLN A 220 -41.82 41.35 -11.68
N ASP A 221 -40.82 40.99 -10.88
CA ASP A 221 -41.07 40.84 -9.45
C ASP A 221 -40.73 42.10 -8.67
N SER A 222 -39.80 42.91 -9.17
CA SER A 222 -39.26 44.03 -8.43
C SER A 222 -38.73 45.06 -9.42
N TYR A 223 -38.40 46.23 -8.91
CA TYR A 223 -37.81 47.27 -9.74
C TYR A 223 -36.44 47.64 -9.16
N LEU A 224 -35.51 48.06 -10.03
CA LEU A 224 -34.22 48.54 -9.59
C LEU A 224 -34.15 50.06 -9.72
N CYS A 225 -33.98 50.75 -8.59
CA CYS A 225 -33.91 52.20 -8.57
C CYS A 225 -32.58 52.65 -8.00
N ASN A 226 -32.12 53.84 -8.41
CA ASN A 226 -30.90 54.40 -7.84
C ASN A 226 -31.28 55.57 -6.96
N VAL A 227 -30.46 55.85 -5.95
CA VAL A 227 -30.63 57.07 -5.16
C VAL A 227 -29.27 57.69 -4.88
N THR A 228 -29.21 59.02 -4.87
CA THR A 228 -27.98 59.71 -4.54
C THR A 228 -28.24 60.43 -3.23
N LEU A 229 -27.31 60.30 -2.29
CA LEU A 229 -27.52 60.85 -0.96
C LEU A 229 -26.17 61.13 -0.31
N PHE A 230 -26.20 61.76 0.85
CA PHE A 230 -24.96 62.14 1.50
C PHE A 230 -24.22 60.87 1.89
N LYS A 231 -22.89 60.89 1.74
CA LYS A 231 -22.09 59.71 2.04
C LYS A 231 -22.43 59.14 3.41
N LYS A 232 -22.53 60.01 4.41
CA LYS A 232 -22.68 59.52 5.77
C LYS A 232 -24.03 58.89 5.99
N ALA A 233 -24.98 59.16 5.10
CA ALA A 233 -26.33 58.64 5.24
C ALA A 233 -26.46 57.26 4.62
N VAL A 234 -25.36 56.74 4.05
CA VAL A 234 -25.44 55.45 3.38
C VAL A 234 -25.89 54.39 4.37
N ASP A 235 -25.42 54.52 5.60
CA ASP A 235 -25.69 53.48 6.60
C ASP A 235 -27.17 53.55 6.96
N ASP A 236 -27.70 54.78 7.05
CA ASP A 236 -29.06 54.95 7.54
C ASP A 236 -30.05 54.52 6.47
N PHE A 237 -29.76 54.86 5.22
CA PHE A 237 -30.68 54.55 4.14
C PHE A 237 -30.84 53.06 4.07
N ARG A 238 -29.71 52.35 4.08
CA ARG A 238 -29.71 50.91 3.89
C ARG A 238 -30.50 50.28 5.02
N HIS A 239 -30.34 50.83 6.22
CA HIS A 239 -31.00 50.24 7.38
C HIS A 239 -32.49 50.44 7.19
N LYS A 240 -32.92 51.65 6.89
CA LYS A 240 -34.35 51.87 6.79
C LYS A 240 -34.87 51.11 5.58
N ALA A 241 -34.06 50.98 4.54
CA ALA A 241 -34.51 50.23 3.38
C ALA A 241 -34.76 48.79 3.78
N ARG A 242 -33.89 48.25 4.64
CA ARG A 242 -34.06 46.88 5.09
C ARG A 242 -35.36 46.78 5.86
N GLU A 243 -35.64 47.81 6.68
CA GLU A 243 -36.84 47.84 7.51
C GLU A 243 -38.08 47.81 6.65
N ASN A 244 -38.03 48.39 5.47
CA ASN A 244 -39.18 48.44 4.58
C ASN A 244 -39.16 47.30 3.58
N LYS A 245 -38.31 46.30 3.82
CA LYS A 245 -38.24 45.08 3.03
C LYS A 245 -37.78 45.33 1.60
N PHE A 246 -36.81 46.23 1.44
CA PHE A 246 -36.17 46.45 0.15
C PHE A 246 -34.77 45.87 0.21
N ILE A 247 -34.27 45.37 -0.92
CA ILE A 247 -32.91 44.82 -0.97
C ILE A 247 -32.02 45.85 -1.62
N VAL A 248 -31.03 46.37 -0.89
CA VAL A 248 -30.26 47.49 -1.40
C VAL A 248 -28.84 47.01 -1.65
N ARG A 249 -28.39 47.17 -2.89
CA ARG A 249 -27.06 46.75 -3.31
C ARG A 249 -26.15 47.97 -3.33
N ASP A 250 -24.94 47.77 -2.82
CA ASP A 250 -23.89 48.78 -2.89
C ASP A 250 -23.11 48.57 -4.18
N PHE A 251 -23.44 49.32 -5.22
CA PHE A 251 -22.82 49.10 -6.51
C PHE A 251 -22.16 50.41 -6.90
N GLN A 252 -20.84 50.40 -7.04
CA GLN A 252 -20.12 51.58 -7.48
C GLN A 252 -19.86 51.48 -8.97
N TYR A 253 -20.41 52.40 -9.74
CA TYR A 253 -20.34 52.28 -11.19
C TYR A 253 -18.87 52.28 -11.58
N ASN A 254 -18.46 51.36 -12.44
CA ASN A 254 -17.06 51.35 -12.86
C ASN A 254 -16.97 51.06 -14.34
N GLU A 255 -16.76 52.12 -15.13
CA GLU A 255 -16.84 51.99 -16.58
C GLU A 255 -15.83 50.98 -17.08
N GLU A 256 -14.63 51.03 -16.51
CA GLU A 256 -13.53 50.17 -16.94
C GLU A 256 -13.83 48.72 -16.64
N GLU A 257 -14.38 48.43 -15.46
CA GLU A 257 -14.66 47.04 -15.11
C GLU A 257 -15.79 46.48 -15.96
N MET A 258 -16.84 47.29 -16.19
CA MET A 258 -17.95 46.76 -16.96
C MET A 258 -17.50 46.53 -18.40
N ARG A 259 -16.70 47.45 -18.94
CA ARG A 259 -16.28 47.23 -20.32
C ARG A 259 -15.39 46.01 -20.35
N ALA A 260 -14.48 45.88 -19.36
CA ALA A 260 -13.52 44.81 -19.40
C ALA A 260 -14.26 43.48 -19.43
N ASP A 261 -15.35 43.42 -18.66
CA ASP A 261 -16.13 42.19 -18.57
C ASP A 261 -16.82 41.90 -19.89
N LYS A 262 -17.33 42.94 -20.53
CA LYS A 262 -18.00 42.73 -21.80
C LYS A 262 -16.99 42.31 -22.87
N GLU A 263 -15.80 42.89 -22.82
CA GLU A 263 -14.81 42.50 -23.82
C GLU A 263 -14.39 41.07 -23.59
N GLU A 264 -14.25 40.65 -22.32
CA GLU A 264 -13.80 39.30 -22.06
C GLU A 264 -14.84 38.30 -22.53
N MET A 265 -16.13 38.64 -22.31
CA MET A 265 -17.24 37.80 -22.76
C MET A 265 -17.21 37.63 -24.26
N ASN A 266 -17.04 38.74 -24.98
CA ASN A 266 -17.06 38.68 -26.44
C ASN A 266 -15.81 38.00 -26.95
N ARG A 267 -14.69 38.20 -26.27
CA ARG A 267 -13.45 37.61 -26.75
C ARG A 267 -13.55 36.10 -26.61
N LEU A 268 -14.05 35.63 -25.47
CA LEU A 268 -14.09 34.18 -25.29
C LEU A 268 -15.11 33.58 -26.25
N SER A 269 -16.22 34.29 -26.51
CA SER A 269 -17.21 33.77 -27.46
C SER A 269 -16.60 33.63 -28.85
N THR A 270 -15.84 34.67 -29.26
CA THR A 270 -15.21 34.67 -30.57
C THR A 270 -14.19 33.54 -30.64
N ASP A 271 -13.38 33.41 -29.60
CA ASP A 271 -12.32 32.41 -29.62
C ASP A 271 -12.93 31.02 -29.63
N LYS A 272 -14.04 30.84 -28.91
CA LYS A 272 -14.68 29.53 -28.87
C LYS A 272 -15.19 29.16 -30.25
N LYS A 273 -15.86 30.10 -30.93
CA LYS A 273 -16.36 29.77 -32.27
C LYS A 273 -15.22 29.54 -33.24
N LYS A 274 -14.16 30.35 -33.12
CA LYS A 274 -13.02 30.28 -34.02
C LYS A 274 -12.32 28.94 -33.88
N GLN A 275 -12.16 28.48 -32.63
CA GLN A 275 -11.55 27.18 -32.44
C GLN A 275 -12.50 26.10 -32.89
N PHE A 276 -13.81 26.29 -32.63
CA PHE A 276 -14.81 25.28 -32.95
C PHE A 276 -14.71 24.91 -34.41
N GLY A 277 -14.67 25.92 -35.28
CA GLY A 277 -14.73 25.69 -36.71
C GLY A 277 -13.64 24.68 -36.98
N PRO A 278 -12.40 25.07 -36.74
CA PRO A 278 -11.31 24.19 -37.12
C PRO A 278 -11.29 22.98 -36.22
N LEU A 279 -11.83 23.12 -35.00
CA LEU A 279 -11.75 22.04 -34.04
C LEU A 279 -12.48 20.87 -34.65
N VAL A 280 -13.73 21.13 -35.03
CA VAL A 280 -14.63 20.09 -35.47
C VAL A 280 -14.18 19.60 -36.83
N ARG A 281 -13.57 20.48 -37.65
CA ARG A 281 -13.10 20.00 -38.94
C ARG A 281 -11.97 18.98 -38.73
N TRP A 282 -11.08 19.30 -37.79
CA TRP A 282 -9.98 18.42 -37.47
C TRP A 282 -10.52 17.13 -36.91
N LEU A 283 -11.46 17.26 -35.98
CA LEU A 283 -11.89 16.07 -35.27
C LEU A 283 -12.61 15.18 -36.27
N LYS A 284 -13.42 15.78 -37.13
CA LYS A 284 -14.21 15.00 -38.07
C LYS A 284 -13.26 14.18 -38.93
N VAL A 285 -12.14 14.79 -39.28
CA VAL A 285 -11.16 14.10 -40.11
C VAL A 285 -10.50 13.00 -39.31
N ASN A 286 -10.09 13.32 -38.08
CA ASN A 286 -9.35 12.34 -37.30
C ASN A 286 -10.26 11.19 -36.93
N PHE A 287 -11.55 11.46 -36.70
CA PHE A 287 -12.46 10.41 -36.32
C PHE A 287 -12.70 9.48 -37.50
N SER A 288 -12.80 10.05 -38.71
CA SER A 288 -12.95 9.15 -39.86
C SER A 288 -11.74 8.23 -39.92
N GLU A 289 -10.55 8.81 -39.73
CA GLU A 289 -9.34 8.00 -39.82
C GLU A 289 -9.34 6.92 -38.76
N ALA A 290 -9.81 7.28 -37.56
CA ALA A 290 -9.93 6.35 -36.44
C ALA A 290 -10.89 5.23 -36.78
N PHE A 291 -11.97 5.56 -37.48
CA PHE A 291 -12.94 4.54 -37.83
C PHE A 291 -12.31 3.60 -38.83
N ILE A 292 -11.61 4.16 -39.82
CA ILE A 292 -11.01 3.29 -40.81
C ILE A 292 -10.03 2.37 -40.11
N ALA A 293 -9.27 2.92 -39.16
CA ALA A 293 -8.32 2.09 -38.41
C ALA A 293 -9.06 0.98 -37.69
N TRP A 294 -10.25 1.29 -37.16
CA TRP A 294 -11.03 0.29 -36.48
C TRP A 294 -11.32 -0.85 -37.43
N ILE A 295 -11.64 -0.48 -38.66
CA ILE A 295 -11.98 -1.46 -39.68
C ILE A 295 -10.74 -2.26 -40.03
N HIS A 296 -9.60 -1.59 -40.16
CA HIS A 296 -8.42 -2.31 -40.62
C HIS A 296 -8.02 -3.28 -39.53
N ILE A 297 -8.06 -2.82 -38.28
CA ILE A 297 -7.48 -3.61 -37.21
C ILE A 297 -8.36 -4.82 -36.98
N LYS A 298 -9.67 -4.68 -37.15
CA LYS A 298 -10.50 -5.85 -36.93
C LYS A 298 -10.45 -6.79 -38.13
N ALA A 299 -10.19 -6.27 -39.33
CA ALA A 299 -9.98 -7.16 -40.47
C ALA A 299 -8.71 -7.98 -40.27
N LEU A 300 -7.73 -7.39 -39.59
CA LEU A 300 -6.53 -8.16 -39.27
C LEU A 300 -6.88 -9.15 -38.20
N ARG A 301 -7.75 -8.75 -37.28
CA ARG A 301 -8.03 -9.62 -36.16
C ARG A 301 -8.62 -10.88 -36.77
N VAL A 302 -9.56 -10.68 -37.68
CA VAL A 302 -10.30 -11.76 -38.29
C VAL A 302 -9.36 -12.55 -39.17
N PHE A 303 -8.37 -11.87 -39.74
CA PHE A 303 -7.38 -12.55 -40.57
C PHE A 303 -6.68 -13.60 -39.73
N VAL A 304 -6.10 -13.16 -38.62
CA VAL A 304 -5.23 -14.02 -37.85
C VAL A 304 -6.07 -15.06 -37.15
N GLU A 305 -7.29 -14.72 -36.77
CA GLU A 305 -8.12 -15.72 -36.13
C GLU A 305 -8.45 -16.80 -37.15
N SER A 306 -8.66 -16.41 -38.42
CA SER A 306 -9.01 -17.36 -39.46
C SER A 306 -7.87 -18.31 -39.69
N VAL A 307 -6.66 -17.78 -39.56
CA VAL A 307 -5.45 -18.57 -39.75
C VAL A 307 -5.33 -19.55 -38.60
N LEU A 308 -5.60 -19.07 -37.39
CA LEU A 308 -5.53 -19.87 -36.18
C LEU A 308 -6.61 -20.93 -36.19
N ARG A 309 -7.75 -20.59 -36.76
CA ARG A 309 -8.87 -21.50 -36.74
C ARG A 309 -8.71 -22.55 -37.83
N TYR A 310 -8.13 -22.19 -38.97
CA TYR A 310 -8.12 -23.15 -40.06
C TYR A 310 -6.72 -23.58 -40.50
N GLY A 311 -5.68 -22.84 -40.20
CA GLY A 311 -4.38 -23.23 -40.72
C GLY A 311 -4.12 -22.66 -42.10
N LEU A 312 -3.22 -23.32 -42.82
CA LEU A 312 -2.74 -22.76 -44.07
C LEU A 312 -3.14 -23.65 -45.25
N PRO A 313 -3.29 -23.08 -46.47
CA PRO A 313 -2.97 -21.72 -46.89
C PRO A 313 -4.00 -20.71 -46.37
N VAL A 314 -3.83 -19.44 -46.72
CA VAL A 314 -4.60 -18.34 -46.13
C VAL A 314 -5.79 -17.92 -47.00
N ASN A 315 -6.23 -18.74 -47.96
CA ASN A 315 -7.38 -18.36 -48.77
C ASN A 315 -8.67 -18.81 -48.13
N PHE A 316 -9.36 -17.86 -47.48
CA PHE A 316 -10.55 -18.14 -46.71
C PHE A 316 -11.71 -17.44 -47.40
N GLN A 317 -12.93 -17.85 -47.11
CA GLN A 317 -14.08 -17.19 -47.71
C GLN A 317 -14.65 -16.22 -46.68
N ALA A 318 -14.25 -14.96 -46.76
CA ALA A 318 -14.68 -14.02 -45.74
C ALA A 318 -15.70 -13.06 -46.31
N MET A 319 -16.81 -12.91 -45.60
CA MET A 319 -17.89 -12.07 -46.07
C MET A 319 -18.28 -11.10 -44.97
N LEU A 320 -18.69 -9.93 -45.41
CA LEU A 320 -19.25 -8.90 -44.56
C LEU A 320 -20.75 -9.03 -44.80
N LEU A 321 -21.50 -9.37 -43.76
CA LEU A 321 -22.92 -9.57 -43.87
C LEU A 321 -23.70 -8.43 -43.26
N GLN A 322 -24.71 -7.98 -44.01
CA GLN A 322 -25.66 -6.98 -43.57
C GLN A 322 -26.92 -7.81 -43.45
N PRO A 323 -27.29 -8.17 -42.23
CA PRO A 323 -28.50 -8.95 -41.97
C PRO A 323 -29.78 -8.28 -42.42
N ASN A 324 -30.77 -9.11 -42.72
CA ASN A 324 -32.10 -8.59 -43.01
C ASN A 324 -32.87 -8.59 -41.70
N LYS A 325 -33.92 -7.78 -41.64
CA LYS A 325 -34.69 -7.67 -40.40
C LYS A 325 -35.25 -9.03 -40.01
N LYS A 326 -35.06 -9.39 -38.74
CA LYS A 326 -35.61 -10.63 -38.20
C LYS A 326 -35.03 -11.86 -38.88
N SER A 327 -33.94 -11.69 -39.63
CA SER A 327 -33.27 -12.79 -40.31
C SER A 327 -32.19 -13.47 -39.47
N VAL A 328 -31.92 -12.98 -38.26
CA VAL A 328 -30.77 -13.51 -37.52
C VAL A 328 -30.95 -14.98 -37.26
N LYS A 329 -32.19 -15.43 -37.08
CA LYS A 329 -32.40 -16.84 -36.86
C LYS A 329 -32.00 -17.59 -38.12
N LYS A 330 -32.52 -17.12 -39.27
CA LYS A 330 -32.24 -17.81 -40.52
C LYS A 330 -30.76 -17.70 -40.81
N LEU A 331 -30.17 -16.55 -40.47
CA LEU A 331 -28.77 -16.34 -40.79
C LEU A 331 -27.95 -17.36 -40.02
N ARG A 332 -28.29 -17.55 -38.74
CA ARG A 332 -27.51 -18.48 -37.94
C ARG A 332 -27.69 -19.86 -38.54
N GLU A 333 -28.92 -20.15 -38.97
CA GLU A 333 -29.27 -21.48 -39.46
C GLU A 333 -28.41 -21.80 -40.66
N VAL A 334 -28.31 -20.82 -41.55
CA VAL A 334 -27.74 -21.03 -42.87
C VAL A 334 -26.25 -21.10 -42.73
N LEU A 335 -25.68 -20.27 -41.85
CA LEU A 335 -24.24 -20.27 -41.70
C LEU A 335 -23.82 -21.50 -40.95
N HIS A 336 -24.70 -21.97 -40.06
CA HIS A 336 -24.38 -23.16 -39.29
C HIS A 336 -24.33 -24.32 -40.24
N GLU A 337 -25.37 -24.48 -41.05
CA GLU A 337 -25.39 -25.63 -41.92
C GLU A 337 -24.25 -25.53 -42.93
N LEU A 338 -23.98 -24.30 -43.40
CA LEU A 338 -22.95 -24.08 -44.40
C LEU A 338 -21.56 -24.52 -43.93
N TYR A 339 -21.17 -24.14 -42.72
CA TYR A 339 -19.80 -24.48 -42.30
C TYR A 339 -19.69 -25.61 -41.27
N LYS A 340 -20.70 -25.83 -40.44
CA LYS A 340 -20.57 -26.81 -39.36
C LYS A 340 -20.25 -28.21 -39.89
N HIS A 341 -20.81 -28.57 -41.05
CA HIS A 341 -20.69 -29.90 -41.59
C HIS A 341 -19.33 -30.14 -42.21
N LEU A 342 -18.57 -29.07 -42.39
CA LEU A 342 -17.29 -29.13 -43.04
C LEU A 342 -16.14 -29.24 -42.04
N ASP A 343 -16.30 -28.71 -40.83
CA ASP A 343 -15.20 -28.72 -39.87
C ASP A 343 -15.47 -29.74 -38.78
N SER A 344 -15.94 -29.34 -37.60
CA SER A 344 -15.98 -30.25 -36.46
C SER A 344 -16.99 -29.74 -35.46
N SER A 345 -17.27 -30.57 -34.46
CA SER A 345 -18.14 -30.16 -33.37
C SER A 345 -17.42 -29.22 -32.40
N ALA A 346 -16.09 -29.09 -32.52
CA ALA A 346 -15.32 -28.29 -31.58
C ALA A 346 -15.75 -26.83 -31.57
N ALA A 347 -16.20 -26.31 -32.71
CA ALA A 347 -16.60 -24.91 -32.81
C ALA A 347 -17.81 -24.73 -33.71
N GLN A 363 -21.37 -18.96 -31.64
CA GLN A 363 -21.81 -18.42 -30.36
C GLN A 363 -20.81 -17.38 -29.85
N GLN A 364 -20.76 -17.17 -28.54
CA GLN A 364 -19.76 -16.24 -28.03
C GLN A 364 -18.37 -16.87 -28.03
N GLU A 365 -18.29 -18.18 -28.11
CA GLU A 365 -17.03 -18.91 -28.03
C GLU A 365 -16.80 -19.76 -29.27
N TYR A 366 -17.79 -20.56 -29.67
CA TYR A 366 -17.70 -21.56 -30.72
C TYR A 366 -18.66 -21.20 -31.85
N TYR A 367 -18.11 -20.79 -32.99
CA TYR A 367 -18.93 -20.42 -34.12
C TYR A 367 -18.25 -21.05 -35.32
N PRO A 368 -19.01 -21.54 -36.31
CA PRO A 368 -18.37 -22.25 -37.41
C PRO A 368 -17.42 -21.37 -38.18
N TYR A 369 -17.61 -20.06 -38.15
CA TYR A 369 -16.77 -19.13 -38.89
C TYR A 369 -16.08 -18.18 -37.91
N VAL A 370 -15.24 -17.31 -38.45
CA VAL A 370 -14.82 -16.09 -37.75
C VAL A 370 -15.94 -15.08 -37.81
N TYR A 371 -16.28 -14.49 -36.67
CA TYR A 371 -17.42 -13.57 -36.66
C TYR A 371 -17.21 -12.47 -35.63
N TYR A 372 -17.24 -11.23 -36.09
CA TYR A 372 -17.15 -10.07 -35.20
C TYR A 372 -18.29 -9.13 -35.54
N LYS A 373 -18.89 -8.56 -34.52
CA LYS A 373 -19.96 -7.58 -34.70
C LYS A 373 -19.46 -6.17 -34.96
N ILE A 374 -19.99 -5.52 -36.00
CA ILE A 374 -19.61 -4.17 -36.36
C ILE A 374 -20.80 -3.34 -35.89
N ASP A 375 -20.56 -2.50 -34.87
CA ASP A 375 -21.60 -1.67 -34.25
C ASP A 375 -21.67 -0.31 -34.92
N CYS A 376 -22.59 -0.14 -35.85
CA CYS A 376 -22.60 1.08 -36.63
C CYS A 376 -24.00 1.61 -36.84
N ALA B 2 -15.78 -40.24 68.59
CA ALA B 2 -15.68 -41.16 69.70
C ALA B 2 -14.64 -40.67 70.69
N LEU B 3 -14.42 -39.36 70.69
CA LEU B 3 -13.44 -38.76 71.56
C LEU B 3 -14.13 -37.86 72.58
N SER B 4 -13.59 -37.85 73.78
CA SER B 4 -13.98 -36.96 74.86
C SER B 4 -13.14 -35.68 74.83
N ASP B 5 -13.58 -34.72 75.65
CA ASP B 5 -12.90 -33.43 75.74
C ASP B 5 -11.43 -33.65 76.04
N ALA B 6 -11.14 -34.67 76.85
CA ALA B 6 -9.76 -35.01 77.18
C ALA B 6 -9.04 -35.54 75.95
N ASP B 7 -9.76 -36.22 75.05
CA ASP B 7 -9.03 -36.90 73.98
C ASP B 7 -8.73 -35.88 72.91
N VAL B 8 -9.67 -34.95 72.72
CA VAL B 8 -9.48 -33.95 71.68
C VAL B 8 -8.40 -33.00 72.17
N GLN B 9 -8.39 -32.75 73.48
CA GLN B 9 -7.41 -31.83 74.06
C GLN B 9 -6.03 -32.46 73.97
N LYS B 10 -5.95 -33.78 74.16
CA LYS B 10 -4.69 -34.50 74.02
C LYS B 10 -4.18 -34.37 72.60
N GLN B 11 -5.07 -34.49 71.62
CA GLN B 11 -4.60 -34.39 70.25
C GLN B 11 -4.18 -32.95 69.94
N ILE B 12 -4.85 -31.97 70.55
CA ILE B 12 -4.42 -30.58 70.37
C ILE B 12 -3.04 -30.40 70.98
N LYS B 13 -2.84 -30.95 72.17
CA LYS B 13 -1.54 -30.85 72.83
C LYS B 13 -0.48 -31.47 71.96
N HIS B 14 -0.80 -32.59 71.31
CA HIS B 14 0.12 -33.23 70.38
C HIS B 14 0.48 -32.28 69.26
N MET B 15 -0.53 -31.67 68.64
CA MET B 15 -0.24 -30.73 67.55
C MET B 15 0.66 -29.61 68.02
N MET B 16 0.43 -29.12 69.25
CA MET B 16 1.29 -28.06 69.74
C MET B 16 2.70 -28.58 69.90
N ALA B 17 2.84 -29.83 70.35
CA ALA B 17 4.18 -30.37 70.52
C ALA B 17 4.86 -30.42 69.17
N PHE B 18 4.07 -30.71 68.14
CA PHE B 18 4.57 -30.78 66.77
C PHE B 18 5.14 -29.42 66.40
N ILE B 19 4.36 -28.38 66.71
CA ILE B 19 4.80 -27.03 66.38
C ILE B 19 6.08 -26.71 67.14
N GLU B 20 6.16 -27.11 68.41
CA GLU B 20 7.36 -26.81 69.17
C GLU B 20 8.57 -27.52 68.57
N GLN B 21 8.35 -28.74 68.08
CA GLN B 21 9.42 -29.50 67.47
C GLN B 21 9.93 -28.78 66.22
N GLU B 22 9.01 -28.28 65.41
CA GLU B 22 9.44 -27.57 64.21
C GLU B 22 10.17 -26.30 64.62
N ALA B 23 9.68 -25.64 65.68
CA ALA B 23 10.28 -24.39 66.14
C ALA B 23 11.73 -24.62 66.47
N ASN B 24 12.00 -25.77 67.12
CA ASN B 24 13.36 -26.06 67.55
C ASN B 24 14.23 -26.42 66.34
N GLU B 25 13.69 -27.23 65.43
CA GLU B 25 14.54 -27.65 64.31
C GLU B 25 14.90 -26.44 63.45
N LYS B 26 13.93 -25.55 63.23
CA LYS B 26 14.15 -24.39 62.39
C LYS B 26 15.18 -23.47 63.05
N ALA B 27 15.06 -23.28 64.37
CA ALA B 27 15.99 -22.40 65.05
C ALA B 27 17.39 -23.01 64.96
N GLU B 28 17.48 -24.33 65.10
CA GLU B 28 18.81 -24.93 65.09
C GLU B 28 19.42 -24.71 63.73
N GLU B 29 18.60 -24.82 62.68
CA GLU B 29 19.09 -24.67 61.31
C GLU B 29 19.63 -23.26 61.11
N ILE B 30 18.95 -22.28 61.70
CA ILE B 30 19.35 -20.90 61.56
C ILE B 30 20.65 -20.64 62.30
N ASP B 31 20.77 -21.17 63.51
CA ASP B 31 21.99 -20.93 64.27
C ASP B 31 23.17 -21.64 63.62
N ALA B 32 22.93 -22.80 63.02
CA ALA B 32 23.99 -23.53 62.34
C ALA B 32 24.53 -22.71 61.17
N LYS B 33 23.62 -22.12 60.38
CA LYS B 33 24.16 -21.33 59.29
C LYS B 33 24.84 -20.08 59.82
N ALA B 34 24.35 -19.53 60.93
CA ALA B 34 25.01 -18.37 61.50
C ALA B 34 26.45 -18.72 61.87
N GLU B 35 26.63 -19.95 62.37
CA GLU B 35 27.93 -20.44 62.79
C GLU B 35 28.85 -20.61 61.59
N GLU B 36 28.28 -21.09 60.49
CA GLU B 36 29.06 -21.23 59.27
C GLU B 36 29.53 -19.88 58.79
N GLU B 37 28.64 -18.88 58.78
CA GLU B 37 29.07 -17.58 58.28
C GLU B 37 30.10 -16.99 59.22
N PHE B 38 29.94 -17.24 60.51
CA PHE B 38 30.86 -16.76 61.52
C PHE B 38 32.27 -17.26 61.22
N ASN B 39 32.38 -18.57 61.02
CA ASN B 39 33.70 -19.18 60.83
C ASN B 39 34.28 -18.78 59.49
N ILE B 40 33.44 -18.66 58.46
CA ILE B 40 33.98 -18.37 57.13
C ILE B 40 34.58 -16.98 57.14
N GLU B 41 33.82 -16.02 57.68
CA GLU B 41 34.26 -14.63 57.65
C GLU B 41 35.51 -14.50 58.50
N LYS B 42 35.52 -15.17 59.66
CA LYS B 42 36.65 -15.05 60.56
C LYS B 42 37.91 -15.59 59.91
N GLY B 43 37.83 -16.76 59.26
CA GLY B 43 39.04 -17.32 58.69
C GLY B 43 39.56 -16.37 57.62
N ARG B 44 38.63 -15.79 56.85
CA ARG B 44 39.03 -14.95 55.73
C ARG B 44 39.80 -13.77 56.29
N LEU B 45 39.27 -13.19 57.35
CA LEU B 45 39.76 -11.93 57.89
C LEU B 45 41.11 -12.18 58.53
N VAL B 46 41.24 -13.29 59.26
CA VAL B 46 42.43 -13.51 60.06
C VAL B 46 43.57 -13.79 59.12
N GLN B 47 43.28 -14.49 58.03
CA GLN B 47 44.38 -14.79 57.13
C GLN B 47 44.76 -13.54 56.36
N THR B 48 43.76 -12.72 55.99
CA THR B 48 44.03 -11.52 55.22
C THR B 48 44.94 -10.56 55.98
N GLN B 49 44.63 -10.31 57.26
CA GLN B 49 45.45 -9.31 57.93
C GLN B 49 46.74 -9.92 58.44
N ARG B 50 46.74 -11.22 58.76
CA ARG B 50 47.96 -11.83 59.24
C ARG B 50 48.99 -11.72 58.14
N LEU B 51 48.55 -12.02 56.91
CA LEU B 51 49.42 -11.96 55.75
C LEU B 51 49.83 -10.54 55.45
N LYS B 52 48.94 -9.56 55.65
CA LYS B 52 49.34 -8.21 55.28
C LYS B 52 50.49 -7.77 56.19
N ILE B 53 50.36 -8.04 57.49
CA ILE B 53 51.43 -7.56 58.35
C ILE B 53 52.65 -8.44 58.13
N MET B 54 52.42 -9.71 57.80
CA MET B 54 53.52 -10.63 57.51
C MET B 54 54.36 -10.12 56.36
N GLU B 55 53.69 -9.78 55.26
CA GLU B 55 54.39 -9.29 54.07
C GLU B 55 55.15 -8.01 54.37
N TYR B 56 54.56 -7.11 55.16
CA TYR B 56 55.32 -5.90 55.51
C TYR B 56 56.63 -6.30 56.17
N TYR B 57 56.54 -7.15 57.19
CA TYR B 57 57.71 -7.48 57.99
C TYR B 57 58.72 -8.20 57.13
N GLU B 58 58.23 -9.10 56.27
CA GLU B 58 59.10 -9.88 55.43
C GLU B 58 59.87 -8.95 54.50
N LYS B 59 59.20 -7.93 53.97
CA LYS B 59 59.90 -7.02 53.07
C LYS B 59 61.00 -6.29 53.83
N LYS B 60 60.72 -5.94 55.08
CA LYS B 60 61.76 -5.22 55.79
C LYS B 60 62.91 -6.16 56.08
N GLU B 61 62.59 -7.42 56.34
CA GLU B 61 63.61 -8.42 56.62
C GLU B 61 64.49 -8.62 55.41
N LYS B 62 63.87 -8.56 54.23
CA LYS B 62 64.61 -8.75 52.99
C LYS B 62 65.55 -7.59 52.82
N GLN B 63 65.10 -6.41 53.22
CA GLN B 63 65.94 -5.24 53.08
C GLN B 63 67.14 -5.40 54.00
N ILE B 64 66.92 -5.97 55.17
CA ILE B 64 68.01 -6.22 56.11
C ILE B 64 69.00 -7.21 55.53
N GLU B 65 68.53 -8.29 54.94
CA GLU B 65 69.44 -9.22 54.34
C GLU B 65 69.56 -8.88 52.87
N LEU C 3 -14.88 -37.34 -32.82
CA LEU C 3 -14.36 -36.91 -34.11
C LEU C 3 -13.82 -38.09 -34.90
N SER C 4 -13.83 -37.93 -36.21
CA SER C 4 -13.40 -38.98 -37.12
C SER C 4 -11.93 -38.80 -37.45
N ASP C 5 -11.39 -39.81 -38.14
CA ASP C 5 -10.00 -39.75 -38.58
C ASP C 5 -9.73 -38.57 -39.49
N ALA C 6 -10.73 -38.13 -40.25
CA ALA C 6 -10.55 -36.93 -41.05
C ALA C 6 -10.23 -35.71 -40.19
N ASP C 7 -10.79 -35.63 -38.98
CA ASP C 7 -10.45 -34.46 -38.19
C ASP C 7 -9.09 -34.66 -37.58
N VAL C 8 -8.74 -35.92 -37.30
CA VAL C 8 -7.44 -36.19 -36.71
C VAL C 8 -6.39 -35.73 -37.69
N GLN C 9 -6.57 -36.10 -38.96
CA GLN C 9 -5.58 -35.80 -39.98
C GLN C 9 -5.53 -34.32 -40.21
N LYS C 10 -6.67 -33.64 -40.09
CA LYS C 10 -6.63 -32.20 -40.22
C LYS C 10 -5.83 -31.58 -39.09
N GLN C 11 -6.05 -32.04 -37.86
CA GLN C 11 -5.27 -31.53 -36.74
C GLN C 11 -3.79 -31.76 -36.98
N ILE C 12 -3.46 -32.92 -37.54
CA ILE C 12 -2.06 -33.27 -37.76
C ILE C 12 -1.48 -32.33 -38.80
N LYS C 13 -2.18 -32.25 -39.95
CA LYS C 13 -1.80 -31.32 -41.04
C LYS C 13 -1.46 -29.97 -40.41
N HIS C 14 -2.35 -29.46 -39.55
CA HIS C 14 -2.12 -28.15 -38.90
C HIS C 14 -0.86 -28.20 -38.02
N MET C 15 -0.67 -29.32 -37.30
CA MET C 15 0.51 -29.44 -36.41
C MET C 15 1.77 -29.39 -37.27
N MET C 16 1.75 -30.09 -38.40
CA MET C 16 2.92 -30.07 -39.32
C MET C 16 3.07 -28.63 -39.82
N ALA C 17 1.96 -28.03 -40.25
CA ALA C 17 2.02 -26.90 -41.14
C ALA C 17 2.60 -25.72 -40.40
N PHE C 18 2.19 -25.56 -39.14
CA PHE C 18 2.70 -24.43 -38.36
C PHE C 18 4.16 -24.67 -38.01
N ILE C 19 4.51 -25.91 -37.69
CA ILE C 19 5.88 -26.19 -37.32
C ILE C 19 6.80 -25.90 -38.51
N GLU C 20 6.38 -26.34 -39.71
CA GLU C 20 7.19 -26.14 -40.92
C GLU C 20 7.30 -24.66 -41.24
N GLN C 21 6.22 -23.91 -41.04
CA GLN C 21 6.30 -22.50 -41.37
C GLN C 21 7.28 -21.83 -40.43
N GLU C 22 7.20 -22.19 -39.15
CA GLU C 22 8.08 -21.56 -38.19
C GLU C 22 9.52 -21.90 -38.55
N ALA C 23 9.74 -23.16 -38.91
CA ALA C 23 11.09 -23.61 -39.19
C ALA C 23 11.64 -22.87 -40.40
N ASN C 24 10.79 -22.67 -41.41
CA ASN C 24 11.25 -22.06 -42.64
C ASN C 24 11.58 -20.60 -42.38
N GLU C 25 10.76 -19.93 -41.57
CA GLU C 25 10.98 -18.52 -41.31
C GLU C 25 12.23 -18.34 -40.49
N LYS C 26 12.41 -19.18 -39.47
CA LYS C 26 13.57 -18.99 -38.60
C LYS C 26 14.83 -19.24 -39.39
N ALA C 27 14.85 -20.30 -40.21
CA ALA C 27 16.07 -20.58 -40.96
C ALA C 27 16.37 -19.44 -41.90
N GLU C 28 15.33 -18.85 -42.50
CA GLU C 28 15.60 -17.80 -43.46
C GLU C 28 16.21 -16.62 -42.73
N GLU C 29 15.68 -16.37 -41.52
CA GLU C 29 16.12 -15.24 -40.72
C GLU C 29 17.57 -15.45 -40.34
N ILE C 30 17.88 -16.70 -40.05
CA ILE C 30 19.20 -17.09 -39.60
C ILE C 30 20.20 -16.87 -40.73
N ASP C 31 19.85 -17.28 -41.95
CA ASP C 31 20.82 -17.13 -43.03
C ASP C 31 20.99 -15.67 -43.41
N ALA C 32 19.90 -14.89 -43.38
CA ALA C 32 20.05 -13.50 -43.75
C ALA C 32 20.97 -12.81 -42.75
N LYS C 33 20.78 -13.10 -41.47
CA LYS C 33 21.63 -12.45 -40.50
C LYS C 33 23.04 -12.98 -40.63
N ALA C 34 23.18 -14.27 -40.97
CA ALA C 34 24.51 -14.84 -41.11
C ALA C 34 25.28 -14.07 -42.16
N GLU C 35 24.60 -13.69 -43.24
CA GLU C 35 25.29 -12.99 -44.31
C GLU C 35 25.66 -11.60 -43.83
N GLU C 36 24.77 -11.02 -43.03
CA GLU C 36 25.04 -9.72 -42.44
C GLU C 36 26.24 -9.81 -41.53
N GLU C 37 26.29 -10.86 -40.71
CA GLU C 37 27.38 -11.00 -39.76
C GLU C 37 28.66 -11.26 -40.52
N PHE C 38 28.57 -11.96 -41.64
CA PHE C 38 29.74 -12.24 -42.46
C PHE C 38 30.38 -10.91 -42.82
N ASN C 39 29.55 -10.02 -43.35
CA ASN C 39 30.10 -8.77 -43.85
C ASN C 39 30.55 -7.90 -42.69
N ILE C 40 29.81 -7.94 -41.57
CA ILE C 40 30.12 -7.05 -40.46
C ILE C 40 31.45 -7.46 -39.84
N GLU C 41 31.62 -8.76 -39.59
CA GLU C 41 32.82 -9.21 -38.93
C GLU C 41 33.98 -8.97 -39.87
N LYS C 42 33.74 -9.20 -41.17
CA LYS C 42 34.79 -9.08 -42.15
C LYS C 42 35.31 -7.65 -42.16
N GLY C 43 34.37 -6.69 -42.20
CA GLY C 43 34.77 -5.31 -42.27
C GLY C 43 35.52 -4.93 -41.03
N ARG C 44 35.04 -5.39 -39.86
CA ARG C 44 35.65 -4.95 -38.63
C ARG C 44 37.08 -5.44 -38.58
N LEU C 45 37.28 -6.69 -39.00
CA LEU C 45 38.59 -7.31 -38.90
C LEU C 45 39.52 -6.56 -39.83
N VAL C 46 39.03 -6.28 -41.03
CA VAL C 46 39.87 -5.70 -42.06
C VAL C 46 40.31 -4.34 -41.59
N GLN C 47 39.37 -3.54 -41.09
CA GLN C 47 39.71 -2.17 -40.76
C GLN C 47 40.65 -2.16 -39.56
N THR C 48 40.40 -3.12 -38.65
CA THR C 48 41.15 -3.20 -37.41
C THR C 48 42.62 -3.42 -37.72
N GLN C 49 42.91 -4.38 -38.60
CA GLN C 49 44.31 -4.67 -38.86
C GLN C 49 44.90 -3.72 -39.89
N ARG C 50 44.08 -3.20 -40.81
CA ARG C 50 44.62 -2.31 -41.82
C ARG C 50 45.18 -1.08 -41.16
N LEU C 51 44.46 -0.54 -40.16
CA LEU C 51 44.95 0.66 -39.51
C LEU C 51 46.25 0.38 -38.77
N LYS C 52 46.36 -0.79 -38.14
CA LYS C 52 47.58 -1.12 -37.43
C LYS C 52 48.75 -1.21 -38.40
N ILE C 53 48.49 -1.75 -39.59
CA ILE C 53 49.54 -1.88 -40.58
C ILE C 53 49.96 -0.50 -40.99
N MET C 54 48.98 0.38 -41.17
CA MET C 54 49.24 1.73 -41.57
C MET C 54 50.15 2.36 -40.54
N GLU C 55 49.81 2.21 -39.27
CA GLU C 55 50.60 2.86 -38.24
C GLU C 55 52.02 2.35 -38.29
N TYR C 56 52.18 1.04 -38.50
CA TYR C 56 53.51 0.49 -38.60
C TYR C 56 54.25 1.18 -39.72
N TYR C 57 53.60 1.22 -40.88
CA TYR C 57 54.23 1.75 -42.06
C TYR C 57 54.61 3.22 -41.84
N GLU C 58 53.68 4.01 -41.33
CA GLU C 58 53.89 5.44 -41.22
C GLU C 58 55.05 5.76 -40.30
N LYS C 59 55.13 5.03 -39.19
CA LYS C 59 56.20 5.34 -38.24
C LYS C 59 57.52 5.05 -38.91
N LYS C 60 57.57 3.94 -39.66
CA LYS C 60 58.84 3.60 -40.26
C LYS C 60 59.18 4.64 -41.31
N GLU C 61 58.17 5.10 -42.04
CA GLU C 61 58.44 6.04 -43.11
C GLU C 61 59.04 7.29 -42.50
N LYS C 62 58.48 7.69 -41.35
CA LYS C 62 58.92 8.92 -40.71
C LYS C 62 60.37 8.74 -40.32
N GLN C 63 60.68 7.54 -39.85
CA GLN C 63 62.00 7.22 -39.38
C GLN C 63 62.97 7.27 -40.55
N ILE C 64 62.47 6.84 -41.70
CA ILE C 64 63.27 6.78 -42.90
C ILE C 64 63.65 8.19 -43.30
N GLU C 65 62.69 9.09 -43.29
CA GLU C 65 63.03 10.44 -43.72
C GLU C 65 63.95 11.07 -42.70
N ALA D 2 -45.65 63.67 -4.00
CA ALA D 2 -46.48 63.66 -2.80
C ALA D 2 -45.92 64.61 -1.74
N LEU D 3 -44.86 65.32 -2.09
CA LEU D 3 -44.29 66.37 -1.26
C LEU D 3 -44.46 67.72 -1.94
N SER D 4 -44.59 68.76 -1.13
CA SER D 4 -44.63 70.11 -1.69
C SER D 4 -43.22 70.60 -2.02
N ASP D 5 -43.19 71.69 -2.80
CA ASP D 5 -41.93 72.35 -3.14
C ASP D 5 -41.19 72.86 -1.91
N ALA D 6 -41.91 73.36 -0.91
CA ALA D 6 -41.24 73.89 0.28
C ALA D 6 -40.53 72.81 1.07
N ASP D 7 -41.10 71.61 1.14
CA ASP D 7 -40.52 70.61 2.02
C ASP D 7 -39.16 70.18 1.48
N VAL D 8 -39.08 69.97 0.17
CA VAL D 8 -37.84 69.44 -0.37
C VAL D 8 -36.87 70.61 -0.52
N GLN D 9 -37.40 71.80 -0.84
CA GLN D 9 -36.54 72.95 -1.06
C GLN D 9 -35.76 73.27 0.19
N LYS D 10 -36.41 73.14 1.35
CA LYS D 10 -35.71 73.39 2.60
C LYS D 10 -34.62 72.35 2.82
N GLN D 11 -34.90 71.09 2.49
CA GLN D 11 -33.92 70.05 2.71
C GLN D 11 -32.72 70.24 1.78
N ILE D 12 -32.96 70.70 0.56
CA ILE D 12 -31.85 70.91 -0.36
C ILE D 12 -30.99 72.04 0.17
N LYS D 13 -31.65 73.10 0.67
CA LYS D 13 -30.93 74.22 1.25
C LYS D 13 -30.07 73.74 2.41
N HIS D 14 -30.62 72.83 3.23
CA HIS D 14 -29.86 72.31 4.35
C HIS D 14 -28.65 71.53 3.87
N MET D 15 -28.82 70.67 2.86
CA MET D 15 -27.71 69.85 2.40
C MET D 15 -26.57 70.74 1.96
N MET D 16 -26.89 71.78 1.19
CA MET D 16 -25.86 72.66 0.67
C MET D 16 -25.20 73.41 1.82
N ALA D 17 -25.99 73.98 2.73
CA ALA D 17 -25.39 74.74 3.80
C ALA D 17 -24.51 73.83 4.64
N PHE D 18 -24.94 72.57 4.83
CA PHE D 18 -24.17 71.62 5.63
C PHE D 18 -22.78 71.48 5.02
N ILE D 19 -22.72 71.31 3.71
CA ILE D 19 -21.44 71.09 3.04
C ILE D 19 -20.58 72.35 3.17
N GLU D 20 -21.21 73.52 3.04
CA GLU D 20 -20.46 74.77 3.18
C GLU D 20 -19.92 74.90 4.60
N GLN D 21 -20.71 74.47 5.59
CA GLN D 21 -20.30 74.58 6.98
C GLN D 21 -19.10 73.68 7.24
N GLU D 22 -19.11 72.48 6.65
CA GLU D 22 -17.97 71.60 6.84
C GLU D 22 -16.74 72.22 6.21
N ALA D 23 -16.89 72.80 5.00
CA ALA D 23 -15.73 73.39 4.36
C ALA D 23 -15.21 74.56 5.18
N ASN D 24 -16.12 75.32 5.80
CA ASN D 24 -15.72 76.45 6.62
C ASN D 24 -14.95 75.98 7.85
N GLU D 25 -15.40 74.90 8.48
CA GLU D 25 -14.73 74.41 9.67
C GLU D 25 -13.34 73.93 9.29
N LYS D 26 -13.23 73.27 8.14
CA LYS D 26 -11.93 72.79 7.71
C LYS D 26 -11.01 73.98 7.45
N ALA D 27 -11.54 75.04 6.84
CA ALA D 27 -10.73 76.22 6.58
C ALA D 27 -10.21 76.82 7.88
N GLU D 28 -11.05 76.83 8.92
CA GLU D 28 -10.59 77.38 10.19
C GLU D 28 -9.50 76.50 10.78
N GLU D 29 -9.64 75.18 10.62
CA GLU D 29 -8.64 74.27 11.16
C GLU D 29 -7.32 74.48 10.43
N ILE D 30 -7.42 74.73 9.13
CA ILE D 30 -6.27 74.95 8.28
C ILE D 30 -5.52 76.20 8.70
N ASP D 31 -6.24 77.29 8.99
CA ASP D 31 -5.53 78.50 9.40
C ASP D 31 -4.89 78.33 10.76
N ALA D 32 -5.55 77.60 11.67
CA ALA D 32 -4.93 77.38 12.99
C ALA D 32 -3.64 76.61 12.81
N LYS D 33 -3.68 75.58 11.96
CA LYS D 33 -2.48 74.81 11.73
C LYS D 33 -1.44 75.66 11.03
N ALA D 34 -1.86 76.56 10.13
CA ALA D 34 -0.91 77.41 9.44
C ALA D 34 -0.12 78.21 10.45
N GLU D 35 -0.81 78.65 11.52
CA GLU D 35 -0.15 79.43 12.55
C GLU D 35 0.83 78.55 13.31
N GLU D 36 0.42 77.30 13.56
CA GLU D 36 1.30 76.36 14.25
C GLU D 36 2.55 76.06 13.43
N GLU D 37 2.38 75.83 12.12
CA GLU D 37 3.52 75.50 11.28
C GLU D 37 4.42 76.72 11.15
N PHE D 38 3.82 77.91 11.14
CA PHE D 38 4.57 79.15 11.06
C PHE D 38 5.54 79.22 12.23
N ASN D 39 4.99 79.01 13.43
CA ASN D 39 5.78 79.17 14.65
C ASN D 39 6.81 78.04 14.73
N ILE D 40 6.45 76.84 14.29
CA ILE D 40 7.35 75.70 14.39
C ILE D 40 8.55 75.95 13.50
N GLU D 41 8.29 76.38 12.26
CA GLU D 41 9.37 76.56 11.30
C GLU D 41 10.26 77.70 11.77
N LYS D 42 9.65 78.79 12.26
CA LYS D 42 10.46 79.92 12.67
C LYS D 42 11.35 79.52 13.83
N GLY D 43 10.80 78.80 14.82
CA GLY D 43 11.58 78.45 15.98
C GLY D 43 12.73 77.54 15.60
N ARG D 44 12.45 76.55 14.76
CA ARG D 44 13.46 75.55 14.43
C ARG D 44 14.59 76.21 13.66
N LEU D 45 14.23 77.07 12.71
CA LEU D 45 15.22 77.65 11.82
C LEU D 45 16.06 78.64 12.61
N VAL D 46 15.41 79.45 13.44
CA VAL D 46 16.10 80.55 14.08
C VAL D 46 17.06 79.97 15.10
N GLN D 47 16.67 78.88 15.76
CA GLN D 47 17.55 78.31 16.76
C GLN D 47 18.71 77.58 16.08
N THR D 48 18.44 76.92 14.96
CA THR D 48 19.50 76.18 14.29
C THR D 48 20.56 77.15 13.80
N GLN D 49 20.11 78.24 13.16
CA GLN D 49 21.06 79.18 12.61
C GLN D 49 21.77 79.89 13.75
N ARG D 50 21.02 80.18 14.81
CA ARG D 50 21.58 80.92 15.92
C ARG D 50 22.70 80.09 16.53
N LEU D 51 22.48 78.78 16.60
CA LEU D 51 23.49 77.89 17.15
C LEU D 51 24.72 77.94 16.27
N LYS D 52 24.53 77.89 14.96
CA LYS D 52 25.68 77.90 14.07
C LYS D 52 26.48 79.19 14.26
N ILE D 53 25.77 80.31 14.48
CA ILE D 53 26.43 81.58 14.69
C ILE D 53 27.26 81.55 15.96
N MET D 54 26.65 81.04 17.04
CA MET D 54 27.32 81.02 18.31
C MET D 54 28.58 80.15 18.22
N GLU D 55 28.47 78.99 17.57
CA GLU D 55 29.64 78.11 17.52
C GLU D 55 30.73 78.81 16.72
N TYR D 56 30.31 79.50 15.67
CA TYR D 56 31.24 80.19 14.78
C TYR D 56 32.04 81.17 15.61
N TYR D 57 31.35 82.00 16.36
CA TYR D 57 32.01 83.10 17.03
C TYR D 57 32.81 82.54 18.18
N GLU D 58 32.32 81.49 18.85
CA GLU D 58 33.05 80.97 19.98
C GLU D 58 34.41 80.54 19.49
N LYS D 59 34.44 79.87 18.33
CA LYS D 59 35.68 79.39 17.78
C LYS D 59 36.55 80.58 17.43
N LYS D 60 35.92 81.64 16.93
CA LYS D 60 36.64 82.84 16.52
C LYS D 60 37.23 83.52 17.73
N GLU D 61 36.50 83.45 18.82
CA GLU D 61 36.88 84.02 20.09
C GLU D 61 38.10 83.30 20.62
N LYS D 62 38.13 81.98 20.51
CA LYS D 62 39.30 81.28 21.01
C LYS D 62 40.55 81.65 20.22
N GLN D 63 40.41 81.84 18.91
CA GLN D 63 41.54 82.19 18.07
C GLN D 63 42.06 83.59 18.40
N ILE D 64 41.15 84.54 18.55
CA ILE D 64 41.52 85.92 18.86
C ILE D 64 42.22 86.01 20.22
N GLU D 65 41.73 85.25 21.19
CA GLU D 65 42.30 85.25 22.53
C GLU D 65 43.25 84.07 22.72
N SER E 3 -14.45 -25.09 71.24
CA SER E 3 -13.15 -24.64 71.71
C SER E 3 -12.15 -24.55 70.58
N GLN E 4 -12.63 -24.66 69.33
CA GLN E 4 -11.72 -24.61 68.20
C GLN E 4 -11.09 -23.23 68.10
N SER E 5 -11.88 -22.19 68.41
CA SER E 5 -11.36 -20.84 68.30
C SER E 5 -10.24 -20.61 69.31
N GLN E 6 -10.30 -21.32 70.45
CA GLN E 6 -9.23 -21.20 71.42
C GLN E 6 -8.01 -21.96 70.94
N GLY E 7 -8.20 -23.13 70.33
CA GLY E 7 -7.06 -23.86 69.84
C GLY E 7 -6.35 -23.03 68.79
N ILE E 8 -7.14 -22.37 67.95
CA ILE E 8 -6.60 -21.57 66.86
C ILE E 8 -5.84 -20.38 67.42
N GLN E 9 -6.38 -19.72 68.45
CA GLN E 9 -5.65 -18.59 69.02
C GLN E 9 -4.37 -19.04 69.70
N GLN E 10 -4.39 -20.23 70.31
CA GLN E 10 -3.18 -20.72 70.96
C GLN E 10 -2.12 -21.06 69.93
N LEU E 11 -2.56 -21.56 68.77
CA LEU E 11 -1.64 -21.79 67.67
C LEU E 11 -1.13 -20.47 67.13
N LEU E 12 -1.97 -19.43 67.10
CA LEU E 12 -1.50 -18.13 66.65
C LEU E 12 -0.41 -17.64 67.60
N GLN E 13 -0.62 -17.84 68.91
CA GLN E 13 0.38 -17.43 69.88
C GLN E 13 1.68 -18.18 69.66
N ALA E 14 1.58 -19.48 69.37
CA ALA E 14 2.77 -20.29 69.10
C ALA E 14 3.50 -19.78 67.87
N GLU E 15 2.75 -19.36 66.86
CA GLU E 15 3.37 -18.87 65.63
C GLU E 15 4.07 -17.54 65.89
N LYS E 16 3.44 -16.70 66.71
CA LYS E 16 4.03 -15.43 67.09
C LYS E 16 5.35 -15.67 67.81
N ARG E 17 5.37 -16.64 68.71
CA ARG E 17 6.61 -16.95 69.40
C ARG E 17 7.65 -17.46 68.42
N ALA E 18 7.24 -18.29 67.45
CA ALA E 18 8.21 -18.79 66.48
C ALA E 18 8.82 -17.63 65.72
N ALA E 19 7.97 -16.65 65.36
CA ALA E 19 8.40 -15.50 64.58
C ALA E 19 9.42 -14.71 65.38
N GLU E 20 9.18 -14.62 66.70
CA GLU E 20 10.08 -13.85 67.55
C GLU E 20 11.39 -14.58 67.66
N LYS E 21 11.33 -15.90 67.85
CA LYS E 21 12.52 -16.69 68.07
C LYS E 21 13.44 -16.62 66.86
N VAL E 22 12.86 -16.60 65.66
CA VAL E 22 13.73 -16.50 64.49
C VAL E 22 14.26 -15.08 64.35
N ALA E 23 13.42 -14.06 64.57
CA ALA E 23 13.96 -12.71 64.38
C ALA E 23 15.11 -12.52 65.35
N ASP E 24 14.96 -13.08 66.55
CA ASP E 24 15.97 -12.98 67.59
C ASP E 24 17.24 -13.69 67.16
N ALA E 25 17.07 -14.83 66.47
CA ALA E 25 18.23 -15.54 65.96
C ALA E 25 18.96 -14.70 64.94
N ARG E 26 18.22 -13.95 64.12
CA ARG E 26 18.87 -13.09 63.14
C ARG E 26 19.61 -11.95 63.84
N LYS E 27 19.02 -11.44 64.92
CA LYS E 27 19.69 -10.40 65.70
C LYS E 27 20.99 -10.93 66.28
N ARG E 28 20.96 -12.17 66.80
CA ARG E 28 22.18 -12.73 67.35
C ARG E 28 23.19 -12.90 66.25
N LYS E 29 22.75 -13.33 65.07
CA LYS E 29 23.65 -13.53 63.94
C LYS E 29 24.44 -12.24 63.72
N ALA E 30 23.71 -11.12 63.70
CA ALA E 30 24.35 -9.82 63.48
C ALA E 30 25.33 -9.52 64.61
N ARG E 31 24.97 -9.89 65.83
CA ARG E 31 25.84 -9.56 66.96
C ARG E 31 27.10 -10.39 66.84
N ARG E 32 26.94 -11.64 66.43
CA ARG E 32 28.05 -12.57 66.36
C ARG E 32 29.01 -12.11 65.26
N LEU E 33 28.47 -11.62 64.15
CA LEU E 33 29.30 -11.10 63.07
C LEU E 33 30.13 -9.90 63.54
N LYS E 34 29.52 -8.98 64.30
CA LYS E 34 30.31 -7.86 64.78
C LYS E 34 31.40 -8.38 65.73
N GLN E 35 31.05 -9.37 66.55
CA GLN E 35 32.02 -9.88 67.50
C GLN E 35 33.17 -10.49 66.72
N ALA E 36 32.85 -11.19 65.62
CA ALA E 36 33.84 -11.84 64.80
C ALA E 36 34.84 -10.81 64.28
N LYS E 37 34.33 -9.63 63.91
CA LYS E 37 35.23 -8.61 63.37
C LYS E 37 36.13 -8.08 64.46
N GLU E 38 35.57 -7.86 65.65
CA GLU E 38 36.36 -7.32 66.76
C GLU E 38 37.45 -8.31 67.15
N GLU E 39 37.09 -9.59 67.22
CA GLU E 39 38.06 -10.58 67.64
C GLU E 39 39.11 -10.67 66.55
N ALA E 40 38.69 -10.52 65.29
CA ALA E 40 39.65 -10.66 64.21
C ALA E 40 40.71 -9.62 64.41
N GLN E 41 40.30 -8.40 64.74
CA GLN E 41 41.30 -7.36 64.83
C GLN E 41 42.22 -7.65 66.01
N MET E 42 41.66 -8.22 67.08
CA MET E 42 42.47 -8.55 68.25
C MET E 42 43.52 -9.59 67.87
N GLU E 43 43.11 -10.51 67.01
CA GLU E 43 43.99 -11.56 66.56
C GLU E 43 45.07 -10.98 65.67
N VAL E 44 44.71 -10.00 64.85
CA VAL E 44 45.70 -9.40 63.96
C VAL E 44 46.77 -8.72 64.80
N GLU E 45 46.34 -8.02 65.85
CA GLU E 45 47.32 -7.33 66.68
C GLU E 45 48.26 -8.35 67.32
N GLN E 46 47.72 -9.51 67.74
CA GLN E 46 48.58 -10.53 68.33
C GLN E 46 49.49 -11.18 67.28
N TYR E 47 49.00 -11.35 66.06
CA TYR E 47 49.83 -11.92 65.01
C TYR E 47 51.00 -10.99 64.76
N ARG E 48 50.71 -9.69 64.71
CA ARG E 48 51.76 -8.71 64.44
C ARG E 48 52.78 -8.79 65.54
N ARG E 49 52.30 -8.92 66.78
CA ARG E 49 53.18 -9.03 67.94
C ARG E 49 54.14 -10.20 67.74
N GLU E 50 53.60 -11.35 67.32
CA GLU E 50 54.43 -12.54 67.20
C GLU E 50 55.46 -12.30 66.11
N ARG E 51 55.02 -11.70 65.01
CA ARG E 51 55.91 -11.50 63.88
C ARG E 51 56.99 -10.51 64.26
N GLU E 52 56.62 -9.51 65.05
CA GLU E 52 57.56 -8.49 65.48
C GLU E 52 58.63 -9.11 66.37
N GLN E 53 58.22 -10.02 67.26
CA GLN E 53 59.17 -10.66 68.16
C GLN E 53 60.11 -11.53 67.35
N GLU E 54 59.58 -12.22 66.36
CA GLU E 54 60.43 -13.08 65.53
C GLU E 54 61.40 -12.19 64.75
N PHE E 55 60.92 -11.05 64.26
CA PHE E 55 61.77 -10.18 63.47
C PHE E 55 62.94 -9.74 64.31
N GLN E 56 62.66 -9.28 65.52
CA GLN E 56 63.73 -8.76 66.36
C GLN E 56 64.71 -9.86 66.73
N SER E 57 64.21 -11.08 66.95
CA SER E 57 65.11 -12.19 67.27
C SER E 57 66.02 -12.45 66.09
N LYS E 58 65.44 -12.47 64.91
CA LYS E 58 66.21 -12.75 63.71
C LYS E 58 67.22 -11.65 63.52
N GLN E 59 66.82 -10.42 63.79
CA GLN E 59 67.68 -9.25 63.60
C GLN E 59 68.90 -9.35 64.51
N GLN E 60 68.70 -9.73 65.77
CA GLN E 60 69.84 -9.82 66.68
C GLN E 60 70.76 -10.94 66.23
N ALA E 61 70.18 -12.05 65.78
CA ALA E 61 71.02 -13.15 65.33
C ALA E 61 71.83 -12.70 64.11
N ALA E 62 71.18 -11.94 63.22
CA ALA E 62 71.81 -11.46 62.00
C ALA E 62 72.97 -10.53 62.32
N MET E 63 72.79 -9.64 63.29
CA MET E 63 73.85 -8.70 63.64
C MET E 63 75.06 -9.45 64.16
N GLY E 64 74.82 -10.50 64.95
CA GLY E 64 75.94 -11.30 65.45
C GLY E 64 76.66 -11.96 64.29
N SER E 65 75.90 -12.60 63.41
CA SER E 65 76.45 -13.38 62.32
C SER E 65 77.17 -12.47 61.32
N GLN E 66 76.64 -11.27 61.12
CA GLN E 66 77.20 -10.31 60.18
C GLN E 66 78.48 -9.68 60.70
N GLY E 67 78.62 -9.48 62.00
CA GLY E 67 79.86 -8.85 62.41
C GLY E 67 80.99 -9.84 62.44
N ASN E 68 80.64 -11.12 62.43
CA ASN E 68 81.47 -12.30 62.45
C ASN E 68 82.06 -12.59 61.06
N LEU E 69 83.13 -13.38 61.07
CA LEU E 69 83.81 -13.87 59.87
C LEU E 69 84.30 -12.76 58.95
N SER F 3 -4.91 -44.68 -35.69
CA SER F 3 -4.27 -43.70 -36.56
C SER F 3 -3.44 -42.71 -35.74
N GLN F 4 -3.47 -42.89 -34.41
CA GLN F 4 -2.72 -42.01 -33.52
C GLN F 4 -1.21 -42.14 -33.75
N SER F 5 -0.73 -43.37 -33.91
CA SER F 5 0.70 -43.61 -34.07
C SER F 5 1.20 -42.98 -35.35
N GLN F 6 0.34 -42.91 -36.37
CA GLN F 6 0.79 -42.27 -37.60
C GLN F 6 0.90 -40.77 -37.39
N GLY F 7 -0.06 -40.16 -36.69
CA GLY F 7 0.05 -38.73 -36.51
C GLY F 7 1.29 -38.42 -35.70
N ILE F 8 1.56 -39.28 -34.71
CA ILE F 8 2.70 -39.06 -33.83
C ILE F 8 3.98 -39.11 -34.66
N GLN F 9 4.06 -40.10 -35.55
CA GLN F 9 5.25 -40.30 -36.38
C GLN F 9 5.42 -39.13 -37.33
N GLN F 10 4.31 -38.65 -37.88
CA GLN F 10 4.35 -37.65 -38.93
C GLN F 10 4.87 -36.35 -38.34
N LEU F 11 4.38 -36.00 -37.15
CA LEU F 11 4.78 -34.72 -36.60
C LEU F 11 6.21 -34.84 -36.12
N LEU F 12 6.60 -36.04 -35.67
CA LEU F 12 7.99 -36.15 -35.25
C LEU F 12 8.88 -35.99 -36.47
N GLN F 13 8.41 -36.46 -37.63
CA GLN F 13 9.18 -36.31 -38.87
C GLN F 13 9.31 -34.84 -39.23
N ALA F 14 8.24 -34.08 -39.03
CA ALA F 14 8.30 -32.65 -39.31
C ALA F 14 9.29 -31.97 -38.38
N GLU F 15 9.28 -32.37 -37.12
CA GLU F 15 10.17 -31.78 -36.13
C GLU F 15 11.61 -32.12 -36.45
N LYS F 16 11.84 -33.35 -36.90
CA LYS F 16 13.18 -33.78 -37.27
C LYS F 16 13.68 -32.95 -38.43
N ARG F 17 12.84 -32.77 -39.45
CA ARG F 17 13.33 -32.02 -40.58
C ARG F 17 13.65 -30.61 -40.09
N ALA F 18 12.81 -30.08 -39.20
CA ALA F 18 13.05 -28.72 -38.72
C ALA F 18 14.40 -28.64 -38.03
N ALA F 19 14.71 -29.67 -37.25
CA ALA F 19 15.99 -29.70 -36.54
C ALA F 19 17.12 -29.74 -37.54
N GLU F 20 16.92 -30.46 -38.64
CA GLU F 20 18.00 -30.63 -39.60
C GLU F 20 18.19 -29.28 -40.26
N LYS F 21 17.08 -28.62 -40.52
CA LYS F 21 17.04 -27.38 -41.25
C LYS F 21 17.81 -26.32 -40.49
N VAL F 22 17.58 -26.25 -39.18
CA VAL F 22 18.26 -25.18 -38.45
C VAL F 22 19.70 -25.56 -38.20
N ALA F 23 20.00 -26.84 -38.01
CA ALA F 23 21.39 -27.15 -37.76
C ALA F 23 22.19 -26.82 -39.02
N ASP F 24 21.64 -27.16 -40.18
CA ASP F 24 22.33 -26.91 -41.44
C ASP F 24 22.42 -25.42 -41.75
N ALA F 25 21.39 -24.65 -41.40
CA ALA F 25 21.49 -23.20 -41.61
C ALA F 25 22.61 -22.62 -40.76
N ARG F 26 22.76 -23.13 -39.56
CA ARG F 26 23.80 -22.64 -38.67
C ARG F 26 25.15 -23.04 -39.23
N LYS F 27 25.20 -24.24 -39.80
CA LYS F 27 26.40 -24.75 -40.44
C LYS F 27 26.79 -23.86 -41.62
N ARG F 28 25.81 -23.45 -42.41
CA ARG F 28 26.16 -22.60 -43.53
C ARG F 28 26.70 -21.30 -42.96
N LYS F 29 26.08 -20.80 -41.89
CA LYS F 29 26.55 -19.56 -41.30
C LYS F 29 28.03 -19.69 -40.93
N ALA F 30 28.36 -20.80 -40.30
CA ALA F 30 29.74 -21.06 -39.88
C ALA F 30 30.66 -21.11 -41.08
N ARG F 31 30.17 -21.69 -42.16
CA ARG F 31 31.02 -21.89 -43.34
C ARG F 31 31.30 -20.53 -43.91
N ARG F 32 30.27 -19.70 -43.97
CA ARG F 32 30.39 -18.39 -44.57
C ARG F 32 31.33 -17.54 -43.75
N LEU F 33 31.26 -17.67 -42.42
CA LEU F 33 32.13 -16.89 -41.55
C LEU F 33 33.59 -17.26 -41.78
N LYS F 34 33.88 -18.55 -41.90
CA LYS F 34 35.26 -18.93 -42.19
C LYS F 34 35.69 -18.39 -43.54
N GLN F 35 34.79 -18.43 -44.53
CA GLN F 35 35.18 -17.97 -45.85
C GLN F 35 35.49 -16.49 -45.75
N ALA F 36 34.68 -15.80 -44.95
CA ALA F 36 34.81 -14.37 -44.74
C ALA F 36 36.19 -14.09 -44.18
N LYS F 37 36.64 -14.96 -43.28
CA LYS F 37 37.94 -14.71 -42.67
C LYS F 37 39.01 -14.94 -43.72
N GLU F 38 38.83 -15.96 -44.56
CA GLU F 38 39.84 -16.27 -45.55
C GLU F 38 39.97 -15.12 -46.53
N GLU F 39 38.83 -14.62 -47.01
CA GLU F 39 38.88 -13.54 -47.97
C GLU F 39 39.44 -12.29 -47.32
N ALA F 40 39.10 -12.05 -46.05
CA ALA F 40 39.55 -10.83 -45.42
C ALA F 40 41.06 -10.86 -45.40
N GLN F 41 41.60 -12.03 -45.05
CA GLN F 41 43.03 -12.10 -44.91
C GLN F 41 43.66 -11.91 -46.28
N MET F 42 43.00 -12.42 -47.31
CA MET F 42 43.53 -12.26 -48.66
C MET F 42 43.66 -10.78 -49.02
N GLU F 43 42.64 -10.02 -48.66
CA GLU F 43 42.68 -8.58 -48.95
C GLU F 43 43.78 -7.93 -48.15
N VAL F 44 43.96 -8.40 -46.91
CA VAL F 44 44.99 -7.84 -46.06
C VAL F 44 46.34 -8.09 -46.70
N GLU F 45 46.55 -9.31 -47.20
CA GLU F 45 47.84 -9.63 -47.80
C GLU F 45 48.03 -8.79 -49.04
N GLN F 46 46.95 -8.50 -49.74
CA GLN F 46 47.08 -7.67 -50.93
C GLN F 46 47.55 -6.29 -50.49
N TYR F 47 47.00 -5.83 -49.38
CA TYR F 47 47.32 -4.51 -48.85
C TYR F 47 48.78 -4.50 -48.44
N ARG F 48 49.20 -5.60 -47.83
CA ARG F 48 50.58 -5.74 -47.38
C ARG F 48 51.52 -5.59 -48.55
N ARG F 49 51.24 -6.31 -49.64
CA ARG F 49 52.18 -6.27 -50.74
C ARG F 49 52.28 -4.84 -51.22
N GLU F 50 51.13 -4.16 -51.26
CA GLU F 50 51.15 -2.81 -51.76
C GLU F 50 52.01 -1.94 -50.86
N ARG F 51 51.89 -2.14 -49.56
CA ARG F 51 52.59 -1.23 -48.67
C ARG F 51 54.08 -1.54 -48.72
N GLU F 52 54.41 -2.81 -48.89
CA GLU F 52 55.80 -3.22 -48.97
C GLU F 52 56.46 -2.65 -50.21
N GLN F 53 55.71 -2.61 -51.30
CA GLN F 53 56.24 -2.07 -52.54
C GLN F 53 56.50 -0.58 -52.40
N GLU F 54 55.59 0.10 -51.73
CA GLU F 54 55.79 1.53 -51.57
C GLU F 54 56.98 1.74 -50.66
N PHE F 55 57.14 0.84 -49.69
CA PHE F 55 58.28 0.94 -48.81
C PHE F 55 59.54 0.86 -49.65
N GLN F 56 59.60 -0.13 -50.52
CA GLN F 56 60.80 -0.35 -51.31
C GLN F 56 61.05 0.86 -52.19
N SER F 57 59.97 1.42 -52.72
CA SER F 57 60.10 2.56 -53.61
C SER F 57 60.69 3.75 -52.86
N LYS F 58 60.17 4.01 -51.65
CA LYS F 58 60.62 5.16 -50.88
C LYS F 58 62.08 4.99 -50.47
N GLN F 59 62.45 3.79 -50.07
CA GLN F 59 63.78 3.55 -49.54
C GLN F 59 64.82 3.79 -50.62
N GLN F 60 64.54 3.32 -51.83
CA GLN F 60 65.52 3.47 -52.89
C GLN F 60 65.56 4.92 -53.33
N ALA F 61 64.40 5.55 -53.36
CA ALA F 61 64.34 6.92 -53.81
C ALA F 61 65.12 7.80 -52.85
N ALA F 62 64.95 7.57 -51.56
CA ALA F 62 65.65 8.39 -50.61
C ALA F 62 67.14 8.12 -50.70
N MET F 63 67.55 6.85 -50.84
CA MET F 63 68.98 6.59 -50.87
C MET F 63 69.63 7.34 -52.02
N GLY F 64 68.98 7.30 -53.18
CA GLY F 64 69.50 7.95 -54.37
C GLY F 64 69.59 9.44 -54.16
N SER F 65 68.50 10.02 -53.68
CA SER F 65 68.34 11.45 -53.54
C SER F 65 69.36 11.96 -52.55
N GLN F 66 69.49 11.22 -51.46
CA GLN F 66 70.33 11.60 -50.34
C GLN F 66 71.78 11.58 -50.76
N GLY F 67 72.14 10.57 -51.54
CA GLY F 67 73.49 10.49 -52.16
C GLY F 67 73.79 11.76 -52.93
N ASN F 68 72.90 12.16 -53.84
CA ASN F 68 73.13 13.38 -54.67
C ASN F 68 73.48 14.56 -53.76
N LEU F 69 72.63 14.84 -52.77
CA LEU F 69 72.78 16.02 -51.93
C LEU F 69 73.90 15.82 -50.91
N GLN G 4 -32.70 65.05 -10.99
CA GLN G 4 -31.25 64.88 -11.08
C GLN G 4 -30.52 66.21 -11.22
N SER G 5 -31.07 67.12 -12.03
CA SER G 5 -30.40 68.40 -12.25
C SER G 5 -30.41 69.30 -11.02
N GLN G 6 -31.40 69.16 -10.14
CA GLN G 6 -31.42 69.97 -8.93
C GLN G 6 -30.36 69.48 -7.95
N GLY G 7 -30.29 68.17 -7.76
CA GLY G 7 -29.30 67.62 -6.87
C GLY G 7 -27.91 67.90 -7.39
N ILE G 8 -27.75 67.86 -8.72
CA ILE G 8 -26.43 68.07 -9.30
C ILE G 8 -26.01 69.51 -9.09
N GLN G 9 -26.91 70.47 -9.35
CA GLN G 9 -26.50 71.86 -9.23
C GLN G 9 -26.14 72.15 -7.78
N GLN G 10 -26.91 71.53 -6.87
CA GLN G 10 -26.73 71.80 -5.45
C GLN G 10 -25.37 71.27 -5.01
N LEU G 11 -25.03 70.06 -5.46
CA LEU G 11 -23.80 69.45 -4.98
C LEU G 11 -22.62 70.12 -5.64
N LEU G 12 -22.83 70.65 -6.86
CA LEU G 12 -21.78 71.40 -7.53
C LEU G 12 -21.49 72.69 -6.79
N GLN G 13 -22.53 73.34 -6.27
CA GLN G 13 -22.35 74.56 -5.51
C GLN G 13 -21.68 74.28 -4.17
N ALA G 14 -22.09 73.19 -3.51
CA ALA G 14 -21.50 72.85 -2.22
C ALA G 14 -20.04 72.46 -2.41
N GLU G 15 -19.74 71.78 -3.52
CA GLU G 15 -18.38 71.35 -3.80
C GLU G 15 -17.52 72.58 -4.03
N LYS G 16 -18.02 73.53 -4.80
CA LYS G 16 -17.27 74.75 -5.09
C LYS G 16 -16.93 75.47 -3.80
N ARG G 17 -17.92 75.66 -2.93
CA ARG G 17 -17.63 76.42 -1.72
C ARG G 17 -16.66 75.65 -0.82
N ALA G 18 -16.86 74.33 -0.69
CA ALA G 18 -16.00 73.58 0.22
C ALA G 18 -14.57 73.63 -0.30
N ALA G 19 -14.44 73.46 -1.62
CA ALA G 19 -13.12 73.41 -2.21
C ALA G 19 -12.44 74.75 -2.02
N GLU G 20 -13.21 75.83 -2.14
CA GLU G 20 -12.60 77.15 -2.04
C GLU G 20 -12.09 77.31 -0.62
N LYS G 21 -12.86 76.83 0.34
CA LYS G 21 -12.57 77.03 1.76
C LYS G 21 -11.26 76.36 2.11
N VAL G 22 -11.09 75.12 1.65
CA VAL G 22 -9.89 74.39 2.05
C VAL G 22 -8.70 74.82 1.20
N ALA G 23 -8.91 75.18 -0.06
CA ALA G 23 -7.78 75.58 -0.87
C ALA G 23 -7.23 76.89 -0.32
N ASP G 24 -8.12 77.77 0.12
CA ASP G 24 -7.73 79.06 0.63
C ASP G 24 -6.96 78.91 1.93
N ALA G 25 -7.46 78.05 2.82
CA ALA G 25 -6.69 77.79 4.03
C ALA G 25 -5.34 77.14 3.72
N ARG G 26 -5.26 76.26 2.72
CA ARG G 26 -3.97 75.66 2.41
C ARG G 26 -3.00 76.72 1.91
N LYS G 27 -3.49 77.64 1.09
CA LYS G 27 -2.67 78.71 0.56
C LYS G 27 -2.17 79.58 1.69
N ARG G 28 -3.06 79.87 2.65
CA ARG G 28 -2.65 80.70 3.76
C ARG G 28 -1.58 79.99 4.56
N LYS G 29 -1.71 78.67 4.75
CA LYS G 29 -0.70 77.98 5.53
C LYS G 29 0.65 78.14 4.86
N ALA G 30 0.69 77.95 3.54
CA ALA G 30 1.95 78.07 2.83
C ALA G 30 2.51 79.48 2.97
N ARG G 31 1.63 80.48 2.93
CA ARG G 31 2.07 81.86 3.00
C ARG G 31 2.60 82.19 4.38
N ARG G 32 1.93 81.70 5.41
CA ARG G 32 2.33 82.01 6.78
C ARG G 32 3.68 81.36 7.05
N LEU G 33 3.90 80.15 6.53
CA LEU G 33 5.19 79.50 6.74
C LEU G 33 6.32 80.31 6.09
N LYS G 34 6.09 80.80 4.86
CA LYS G 34 7.15 81.60 4.26
C LYS G 34 7.37 82.88 5.08
N GLN G 35 6.28 83.46 5.58
CA GLN G 35 6.46 84.70 6.32
C GLN G 35 7.25 84.40 7.57
N ALA G 36 6.96 83.23 8.18
CA ALA G 36 7.61 82.81 9.42
C ALA G 36 9.11 82.69 9.21
N LYS G 37 9.48 82.20 8.02
CA LYS G 37 10.90 82.05 7.73
C LYS G 37 11.55 83.41 7.56
N GLU G 38 10.89 84.33 6.87
CA GLU G 38 11.54 85.61 6.66
C GLU G 38 11.74 86.34 7.98
N GLU G 39 10.73 86.30 8.86
CA GLU G 39 10.88 87.05 10.10
C GLU G 39 11.96 86.42 10.96
N ALA G 40 12.00 85.08 10.97
CA ALA G 40 13.01 84.41 11.76
C ALA G 40 14.39 84.81 11.24
N GLN G 41 14.51 84.86 9.91
CA GLN G 41 15.81 85.13 9.30
C GLN G 41 16.25 86.53 9.66
N MET G 42 15.30 87.46 9.65
CA MET G 42 15.65 88.85 9.91
C MET G 42 16.14 89.00 11.33
N GLU G 43 15.54 88.25 12.26
CA GLU G 43 15.90 88.41 13.66
C GLU G 43 17.29 87.84 13.88
N VAL G 44 17.55 86.66 13.32
CA VAL G 44 18.80 86.01 13.63
C VAL G 44 19.91 86.76 12.94
N GLU G 45 19.62 87.38 11.79
CA GLU G 45 20.60 88.24 11.13
C GLU G 45 20.92 89.48 11.96
N GLN G 46 19.91 90.05 12.62
CA GLN G 46 20.21 91.17 13.49
C GLN G 46 21.04 90.70 14.66
N TYR G 47 20.72 89.51 15.15
CA TYR G 47 21.45 88.96 16.28
C TYR G 47 22.89 88.73 15.87
N ARG G 48 23.09 88.22 14.65
CA ARG G 48 24.43 87.97 14.15
C ARG G 48 25.21 89.28 14.11
N ARG G 49 24.57 90.33 13.60
CA ARG G 49 25.29 91.59 13.48
C ARG G 49 25.73 92.05 14.86
N GLU G 50 24.85 91.91 15.85
CA GLU G 50 25.19 92.43 17.16
C GLU G 50 26.32 91.60 17.76
N ARG G 51 26.29 90.29 17.53
CA ARG G 51 27.31 89.45 18.13
C ARG G 51 28.63 89.76 17.45
N GLU G 52 28.57 90.07 16.15
CA GLU G 52 29.76 90.45 15.41
C GLU G 52 30.38 91.71 15.97
N GLN G 53 29.54 92.68 16.32
CA GLN G 53 30.07 93.93 16.87
C GLN G 53 30.74 93.66 18.20
N GLU G 54 30.14 92.80 19.00
CA GLU G 54 30.76 92.46 20.28
C GLU G 54 32.07 91.77 20.00
N PHE G 55 32.10 90.91 19.01
CA PHE G 55 33.29 90.15 18.72
C PHE G 55 34.38 91.13 18.37
N GLN G 56 34.08 92.05 17.48
CA GLN G 56 35.08 92.98 16.98
C GLN G 56 35.59 93.84 18.12
N SER G 57 34.69 94.19 19.03
CA SER G 57 35.05 95.03 20.16
C SER G 57 36.06 94.27 21.00
N LYS G 58 35.74 93.01 21.24
CA LYS G 58 36.55 92.14 22.07
C LYS G 58 37.93 91.93 21.45
N GLN G 59 38.00 91.80 20.12
CA GLN G 59 39.30 91.53 19.50
C GLN G 59 40.21 92.72 19.64
N GLN G 60 39.67 93.93 19.47
CA GLN G 60 40.56 95.08 19.60
C GLN G 60 41.02 95.20 21.04
N ALA G 61 40.12 94.93 21.98
CA ALA G 61 40.51 94.99 23.40
C ALA G 61 41.54 93.92 23.74
N ALA G 62 41.38 92.71 23.19
CA ALA G 62 42.31 91.62 23.47
C ALA G 62 43.69 91.99 22.96
N MET G 63 43.75 92.56 21.75
CA MET G 63 45.03 92.94 21.18
C MET G 63 45.69 94.02 22.02
N GLY G 64 44.89 94.96 22.52
CA GLY G 64 45.42 96.01 23.38
C GLY G 64 46.05 95.45 24.64
N SER G 65 45.33 94.55 25.30
CA SER G 65 45.88 94.00 26.54
C SER G 65 47.17 93.28 26.25
N GLN G 66 47.21 92.49 25.19
CA GLN G 66 48.41 91.72 24.93
C GLN G 66 49.56 92.67 24.67
N GLY G 67 49.27 93.75 23.97
CA GLY G 67 50.27 94.73 23.61
C GLY G 67 50.80 95.37 24.87
N ASN G 68 49.91 95.58 25.81
CA ASN G 68 50.20 96.25 27.05
C ASN G 68 51.06 95.40 27.97
N LEU G 69 50.86 94.09 27.97
CA LEU G 69 51.68 93.28 28.87
C LEU G 69 53.14 93.24 28.44
N LEU H 12 -21.54 -28.87 61.84
CA LEU H 12 -20.54 -27.98 61.19
C LEU H 12 -19.24 -28.00 62.00
N ALA H 13 -18.73 -29.20 62.32
CA ALA H 13 -17.48 -29.32 63.10
C ALA H 13 -16.29 -28.89 62.25
N GLN H 14 -15.22 -28.38 62.89
CA GLN H 14 -14.02 -27.90 62.14
C GLN H 14 -12.84 -28.83 62.42
N LEU H 15 -12.14 -29.24 61.36
CA LEU H 15 -10.96 -30.08 61.51
C LEU H 15 -9.80 -29.26 61.01
N PHE H 16 -8.63 -29.48 61.63
CA PHE H 16 -7.43 -28.72 61.30
C PHE H 16 -6.19 -29.60 61.24
N LEU H 17 -5.47 -29.53 60.13
CA LEU H 17 -4.30 -30.41 59.99
C LEU H 17 -3.46 -30.00 58.79
N GLN H 18 -2.27 -30.61 58.70
CA GLN H 18 -1.30 -30.25 57.69
C GLN H 18 -1.81 -30.57 56.29
N SER H 19 -1.31 -29.79 55.33
CA SER H 19 -1.78 -29.96 53.96
C SER H 19 -1.45 -31.34 53.42
N GLU H 20 -0.33 -31.94 53.87
CA GLU H 20 -0.01 -33.29 53.40
C GLU H 20 -0.97 -34.30 53.99
N ALA H 21 -1.23 -34.14 55.29
CA ALA H 21 -2.21 -35.01 55.92
C ALA H 21 -3.56 -34.73 55.30
N ALA H 22 -3.80 -33.45 54.97
CA ALA H 22 -5.06 -33.13 54.32
C ALA H 22 -5.16 -33.82 52.95
N TYR H 23 -4.07 -33.85 52.18
CA TYR H 23 -4.11 -34.54 50.89
C TYR H 23 -4.57 -35.98 51.07
N CYS H 24 -3.93 -36.65 52.03
CA CYS H 24 -4.23 -38.06 52.22
C CYS H 24 -5.67 -38.21 52.68
N CYS H 25 -6.08 -37.32 53.59
CA CYS H 25 -7.39 -37.45 54.19
C CYS H 25 -8.44 -37.22 53.14
N VAL H 26 -8.23 -36.23 52.27
CA VAL H 26 -9.21 -35.96 51.25
C VAL H 26 -9.34 -37.21 50.41
N SER H 27 -8.21 -37.87 50.13
CA SER H 27 -8.27 -39.08 49.34
C SER H 27 -9.19 -40.08 50.03
N GLU H 28 -8.98 -40.23 51.33
CA GLU H 28 -9.69 -41.24 52.09
C GLU H 28 -11.16 -40.88 52.23
N LEU H 29 -11.45 -39.61 52.45
CA LEU H 29 -12.81 -39.18 52.72
C LEU H 29 -13.61 -39.23 51.44
N GLU H 30 -12.97 -38.93 50.31
CA GLU H 30 -13.67 -38.92 49.04
C GLU H 30 -14.04 -40.34 48.67
N GLU H 31 -13.14 -41.29 48.90
CA GLU H 31 -13.56 -42.65 48.60
C GLU H 31 -14.60 -43.13 49.62
N LEU H 32 -14.47 -42.70 50.88
CA LEU H 32 -15.49 -43.02 51.89
C LEU H 32 -16.86 -42.50 51.50
N GLY H 33 -16.93 -41.26 51.02
CA GLY H 33 -18.14 -40.67 50.49
C GLY H 33 -19.16 -40.17 51.50
N LYS H 34 -18.81 -40.04 52.78
CA LYS H 34 -19.81 -39.63 53.76
C LYS H 34 -19.60 -38.23 54.32
N VAL H 35 -18.77 -37.39 53.72
CA VAL H 35 -18.45 -36.08 54.26
C VAL H 35 -18.99 -35.01 53.34
N GLN H 36 -19.72 -34.06 53.91
CA GLN H 36 -20.12 -32.87 53.17
C GLN H 36 -19.32 -31.69 53.69
N PHE H 37 -18.46 -31.16 52.83
CA PHE H 37 -17.56 -30.06 53.14
C PHE H 37 -18.23 -28.71 52.93
N ARG H 38 -17.83 -27.72 53.70
CA ARG H 38 -18.29 -26.35 53.52
C ARG H 38 -17.15 -25.53 52.93
N ASP H 39 -17.49 -24.55 52.11
CA ASP H 39 -16.49 -23.60 51.60
C ASP H 39 -16.14 -22.54 52.64
N LEU H 40 -14.88 -22.56 53.07
CA LEU H 40 -14.33 -21.67 54.09
C LEU H 40 -13.96 -20.27 53.59
N ASN H 41 -13.92 -20.05 52.27
CA ASN H 41 -13.53 -18.76 51.70
C ASN H 41 -14.43 -18.37 50.55
N PRO H 42 -15.65 -17.93 50.83
CA PRO H 42 -16.58 -17.61 49.74
C PRO H 42 -16.11 -16.47 48.85
N ASP H 43 -15.22 -15.63 49.35
CA ASP H 43 -14.75 -14.45 48.64
C ASP H 43 -13.49 -14.72 47.84
N VAL H 44 -13.03 -15.97 47.82
CA VAL H 44 -11.78 -16.35 47.17
C VAL H 44 -12.03 -17.25 45.96
N ASN H 45 -11.41 -16.88 44.84
CA ASN H 45 -11.52 -17.45 43.51
C ASN H 45 -10.46 -18.53 43.38
N VAL H 46 -10.38 -19.21 42.23
CA VAL H 46 -9.50 -20.37 42.19
C VAL H 46 -8.08 -19.88 42.18
N PHE H 47 -7.86 -18.71 41.60
CA PHE H 47 -6.53 -18.13 41.56
C PHE H 47 -6.11 -17.87 43.00
N GLN H 48 -7.07 -17.37 43.79
CA GLN H 48 -6.94 -17.03 45.21
C GLN H 48 -6.79 -18.26 46.11
N ARG H 49 -7.46 -19.36 45.79
CA ARG H 49 -7.27 -20.57 46.58
C ARG H 49 -5.86 -21.13 46.44
N LYS H 50 -5.23 -20.93 45.30
CA LYS H 50 -3.90 -21.45 44.98
C LYS H 50 -3.90 -22.95 44.73
N PHE H 51 -5.00 -23.46 44.21
CA PHE H 51 -5.02 -24.83 43.75
C PHE H 51 -5.10 -24.83 42.25
N VAL H 52 -4.99 -23.64 41.65
CA VAL H 52 -5.19 -23.47 40.23
C VAL H 52 -4.11 -24.19 39.46
N ASN H 53 -2.89 -24.27 40.00
CA ASN H 53 -1.84 -24.94 39.25
C ASN H 53 -2.15 -26.42 39.14
N GLU H 54 -2.72 -26.97 40.22
CA GLU H 54 -3.00 -28.39 40.26
C GLU H 54 -4.19 -28.70 39.39
N VAL H 55 -5.19 -27.81 39.43
CA VAL H 55 -6.35 -28.06 38.61
C VAL H 55 -5.98 -27.87 37.17
N ARG H 56 -5.17 -26.85 36.87
CA ARG H 56 -4.86 -26.62 35.47
C ARG H 56 -4.18 -27.85 34.94
N ARG H 57 -3.20 -28.37 35.72
CA ARG H 57 -2.46 -29.53 35.26
C ARG H 57 -3.44 -30.65 34.96
N CYS H 58 -4.43 -30.79 35.85
CA CYS H 58 -5.42 -31.84 35.72
C CYS H 58 -6.23 -31.65 34.45
N GLU H 59 -6.59 -30.40 34.16
CA GLU H 59 -7.45 -30.10 33.04
C GLU H 59 -6.68 -30.36 31.75
N GLU H 60 -5.39 -30.05 31.76
CA GLU H 60 -4.64 -30.19 30.54
C GLU H 60 -4.47 -31.66 30.27
N MET H 61 -4.09 -32.42 31.30
CA MET H 61 -3.81 -33.81 31.02
C MET H 61 -5.11 -34.49 30.68
N ASP H 62 -6.19 -34.01 31.29
CA ASP H 62 -7.51 -34.55 31.04
C ASP H 62 -7.85 -34.38 29.58
N ARG H 63 -7.65 -33.17 29.07
CA ARG H 63 -7.97 -32.91 27.67
C ARG H 63 -7.10 -33.76 26.78
N LYS H 64 -5.83 -33.91 27.13
CA LYS H 64 -4.95 -34.67 26.26
C LYS H 64 -5.40 -36.12 26.22
N LEU H 65 -5.77 -36.63 27.38
CA LEU H 65 -6.18 -38.03 27.44
C LEU H 65 -7.45 -38.17 26.65
N ARG H 66 -8.34 -37.20 26.76
CA ARG H 66 -9.61 -37.30 26.06
C ARG H 66 -9.34 -37.29 24.57
N PHE H 67 -8.39 -36.46 24.15
CA PHE H 67 -8.05 -36.37 22.74
C PHE H 67 -7.64 -37.75 22.26
N VAL H 68 -6.73 -38.36 23.01
CA VAL H 68 -6.20 -39.63 22.58
C VAL H 68 -7.32 -40.65 22.61
N GLU H 69 -8.13 -40.59 23.68
CA GLU H 69 -9.22 -41.54 23.83
C GLU H 69 -10.16 -41.44 22.65
N LYS H 70 -10.42 -40.21 22.18
CA LYS H 70 -11.30 -40.04 21.05
C LYS H 70 -10.71 -40.69 19.82
N GLU H 71 -9.41 -40.53 19.63
CA GLU H 71 -8.82 -41.18 18.47
C GLU H 71 -8.86 -42.70 18.62
N ILE H 72 -8.70 -43.16 19.85
CA ILE H 72 -8.73 -44.59 20.15
C ILE H 72 -10.11 -45.15 19.87
N ARG H 73 -11.13 -44.39 20.25
CA ARG H 73 -12.51 -44.82 20.02
C ARG H 73 -12.77 -44.84 18.54
N LYS H 74 -12.21 -43.87 17.82
CA LYS H 74 -12.46 -43.85 16.39
C LYS H 74 -11.93 -45.14 15.79
N ALA H 75 -10.81 -45.64 16.32
CA ALA H 75 -10.23 -46.84 15.76
C ALA H 75 -10.94 -48.12 16.18
N ASN H 76 -12.03 -48.03 16.95
CA ASN H 76 -12.77 -49.24 17.34
C ASN H 76 -11.93 -50.22 18.15
N ILE H 77 -11.10 -49.74 19.09
CA ILE H 77 -10.39 -50.73 19.89
C ILE H 77 -11.11 -51.36 21.09
N PRO H 78 -10.92 -52.68 21.20
CA PRO H 78 -11.57 -53.52 22.24
C PRO H 78 -11.34 -53.19 23.70
N ILE H 79 -10.30 -52.43 24.05
CA ILE H 79 -9.98 -52.10 25.45
C ILE H 79 -11.09 -52.03 26.48
N MET H 80 -11.16 -53.14 27.23
CA MET H 80 -12.23 -53.46 28.17
C MET H 80 -12.34 -52.49 29.33
N ASP H 81 -11.22 -51.90 29.76
CA ASP H 81 -11.22 -50.94 30.88
C ASP H 81 -11.90 -51.61 32.07
N THR H 82 -11.26 -52.70 32.50
CA THR H 82 -11.75 -53.71 33.44
C THR H 82 -11.57 -53.45 34.93
N GLY H 83 -10.66 -52.58 35.36
CA GLY H 83 -10.45 -52.45 36.80
C GLY H 83 -9.18 -51.68 37.11
N GLU H 84 -8.61 -51.91 38.31
CA GLU H 84 -7.43 -51.20 38.80
C GLU H 84 -7.79 -49.77 39.17
N ASN H 85 -8.95 -49.34 38.68
CA ASN H 85 -9.43 -47.98 38.92
C ASN H 85 -9.63 -47.82 40.41
N PRO H 86 -10.11 -48.83 41.13
CA PRO H 86 -10.42 -48.65 42.54
C PRO H 86 -9.19 -48.32 43.36
N GLU H 87 -7.96 -48.51 42.83
CA GLU H 87 -6.81 -48.28 43.70
C GLU H 87 -6.66 -46.79 43.96
N VAL H 88 -7.03 -45.96 42.99
CA VAL H 88 -6.93 -44.51 43.08
C VAL H 88 -5.71 -43.89 43.77
N PRO H 89 -4.47 -44.19 43.45
CA PRO H 89 -3.42 -43.40 44.11
C PRO H 89 -3.33 -42.04 43.44
N PHE H 90 -2.82 -41.06 44.18
CA PHE H 90 -2.52 -39.73 43.62
C PHE H 90 -1.14 -39.22 43.99
N PRO H 91 -0.08 -39.77 43.41
CA PRO H 91 1.26 -39.28 43.71
C PRO H 91 1.50 -37.96 42.98
N ARG H 92 2.46 -37.17 43.45
CA ARG H 92 2.79 -36.01 42.65
C ARG H 92 3.46 -36.43 41.35
N ASP H 93 3.91 -37.69 41.29
CA ASP H 93 4.56 -38.18 40.09
C ASP H 93 3.56 -38.30 38.96
N MET H 94 2.29 -38.07 39.25
CA MET H 94 1.28 -38.15 38.21
C MET H 94 1.61 -37.15 37.14
N ILE H 95 2.31 -36.09 37.52
CA ILE H 95 2.65 -35.08 36.51
C ILE H 95 3.55 -35.73 35.48
N ASP H 96 4.48 -36.56 35.94
CA ASP H 96 5.39 -37.19 35.01
C ASP H 96 4.61 -38.21 34.20
N LEU H 97 3.66 -38.89 34.86
CA LEU H 97 2.91 -39.89 34.14
C LEU H 97 2.20 -39.18 33.02
N GLU H 98 1.62 -38.03 33.36
CA GLU H 98 0.90 -37.22 32.40
C GLU H 98 1.77 -36.93 31.19
N ALA H 99 3.01 -36.51 31.43
CA ALA H 99 3.90 -36.20 30.32
C ALA H 99 4.13 -37.43 29.48
N ASN H 100 4.24 -38.61 30.09
CA ASN H 100 4.58 -39.75 29.24
C ASN H 100 3.41 -39.99 28.33
N PHE H 101 2.22 -39.72 28.84
CA PHE H 101 1.00 -39.92 28.08
C PHE H 101 0.88 -38.80 27.07
N GLU H 102 1.41 -37.63 27.45
CA GLU H 102 1.47 -36.51 26.54
C GLU H 102 2.34 -36.87 25.35
N LYS H 103 3.42 -37.59 25.61
CA LYS H 103 4.30 -37.99 24.51
C LYS H 103 3.54 -38.87 23.55
N ILE H 104 2.69 -39.75 24.07
CA ILE H 104 1.94 -40.65 23.20
C ILE H 104 1.05 -39.81 22.29
N GLU H 105 0.35 -38.84 22.87
CA GLU H 105 -0.50 -37.98 22.06
C GLU H 105 0.31 -37.35 20.97
N ASN H 106 1.49 -36.84 21.31
CA ASN H 106 2.23 -36.08 20.32
C ASN H 106 2.67 -37.05 19.25
N GLU H 107 3.06 -38.24 19.69
CA GLU H 107 3.58 -39.23 18.78
C GLU H 107 2.47 -39.60 17.84
N LEU H 108 1.29 -39.83 18.41
CA LEU H 108 0.20 -40.35 17.61
C LEU H 108 -0.19 -39.28 16.61
N LYS H 109 -0.21 -38.02 17.05
CA LYS H 109 -0.62 -36.96 16.14
C LYS H 109 0.41 -36.85 15.03
N GLU H 110 1.68 -36.95 15.40
CA GLU H 110 2.75 -36.81 14.43
C GLU H 110 2.63 -37.92 13.42
N ILE H 111 2.35 -39.13 13.90
CA ILE H 111 2.27 -40.28 13.02
C ILE H 111 1.11 -40.08 12.06
N ASN H 112 -0.04 -39.68 12.58
CA ASN H 112 -1.17 -39.51 11.69
C ASN H 112 -0.85 -38.43 10.69
N THR H 113 -0.18 -37.37 11.15
CA THR H 113 0.10 -36.27 10.25
C THR H 113 1.02 -36.78 9.16
N ASN H 114 2.00 -37.56 9.59
CA ASN H 114 3.00 -38.08 8.67
C ASN H 114 2.32 -39.10 7.80
N GLN H 115 1.41 -39.87 8.39
CA GLN H 115 0.76 -40.93 7.65
C GLN H 115 -0.03 -40.29 6.53
N GLU H 116 -0.72 -39.20 6.84
CA GLU H 116 -1.53 -38.56 5.81
C GLU H 116 -0.59 -38.02 4.74
N ALA H 117 0.53 -37.46 5.17
CA ALA H 117 1.47 -36.91 4.22
C ALA H 117 1.99 -38.02 3.35
N LEU H 118 2.30 -39.17 3.97
CA LEU H 118 2.86 -40.27 3.19
C LEU H 118 1.77 -40.79 2.29
N LYS H 119 0.54 -40.80 2.79
CA LYS H 119 -0.57 -41.31 2.00
C LYS H 119 -0.66 -40.48 0.74
N ARG H 120 -0.54 -39.15 0.89
CA ARG H 120 -0.66 -38.26 -0.26
C ARG H 120 0.45 -38.56 -1.23
N ASN H 121 1.66 -38.76 -0.71
CA ASN H 121 2.80 -39.02 -1.58
C ASN H 121 2.55 -40.31 -2.32
N PHE H 122 2.01 -41.30 -1.61
CA PHE H 122 1.77 -42.60 -2.22
C PHE H 122 0.85 -42.42 -3.41
N LEU H 123 -0.21 -41.64 -3.23
CA LEU H 123 -1.18 -41.51 -4.30
C LEU H 123 -0.52 -40.85 -5.49
N GLU H 124 0.32 -39.83 -5.23
CA GLU H 124 0.93 -39.14 -6.34
C GLU H 124 1.84 -40.08 -7.08
N LEU H 125 2.56 -40.93 -6.34
CA LEU H 125 3.46 -41.86 -6.99
C LEU H 125 2.66 -42.93 -7.67
N THR H 126 1.50 -43.25 -7.11
CA THR H 126 0.62 -44.20 -7.75
C THR H 126 0.23 -43.66 -9.12
N GLU H 127 -0.08 -42.36 -9.18
CA GLU H 127 -0.38 -41.76 -10.47
C GLU H 127 0.81 -41.90 -11.38
N LEU H 128 2.00 -41.69 -10.84
CA LEU H 128 3.19 -41.74 -11.68
C LEU H 128 3.30 -43.13 -12.28
N LYS H 129 2.96 -44.16 -11.48
CA LYS H 129 3.06 -45.53 -11.96
C LYS H 129 2.22 -45.68 -13.21
N PHE H 130 1.06 -45.06 -13.20
CA PHE H 130 0.13 -45.13 -14.30
C PHE H 130 0.63 -44.20 -15.40
N ILE H 131 1.16 -43.06 -14.98
CA ILE H 131 1.69 -42.08 -15.92
C ILE H 131 2.81 -42.70 -16.75
N LEU H 132 3.70 -43.45 -16.12
CA LEU H 132 4.65 -44.19 -16.93
C LEU H 132 3.95 -45.37 -17.61
N PHE H 170 2.72 -47.16 -22.92
CA PHE H 170 3.47 -45.92 -23.02
C PHE H 170 3.24 -45.08 -21.77
N VAL H 171 2.50 -43.99 -21.92
CA VAL H 171 2.22 -43.07 -20.81
C VAL H 171 0.72 -42.84 -20.72
N ALA H 172 0.18 -43.02 -19.51
CA ALA H 172 -1.23 -42.86 -19.19
C ALA H 172 -1.39 -41.66 -18.25
N GLY H 173 -1.79 -40.47 -18.75
CA GLY H 173 -1.88 -39.38 -17.80
C GLY H 173 -3.12 -39.51 -16.93
N VAL H 174 -3.19 -38.67 -15.90
CA VAL H 174 -4.26 -38.75 -14.92
C VAL H 174 -5.19 -37.55 -14.91
N ILE H 175 -6.47 -37.80 -15.13
CA ILE H 175 -7.48 -36.75 -15.13
C ILE H 175 -8.64 -37.30 -14.32
N ASN H 176 -9.56 -36.41 -13.92
CA ASN H 176 -10.73 -36.96 -13.24
C ASN H 176 -11.76 -37.39 -14.26
N ARG H 177 -11.71 -36.75 -15.43
CA ARG H 177 -12.54 -37.04 -16.61
C ARG H 177 -14.03 -36.94 -16.29
N GLU H 178 -14.41 -35.95 -15.49
CA GLU H 178 -15.83 -35.81 -15.19
C GLU H 178 -16.58 -35.28 -16.39
N ARG H 179 -15.97 -34.32 -17.07
CA ARG H 179 -16.53 -33.59 -18.20
C ARG H 179 -15.45 -33.39 -19.24
N ILE H 180 -14.81 -34.47 -19.68
CA ILE H 180 -13.65 -34.24 -20.53
C ILE H 180 -14.14 -33.70 -21.86
N PRO H 181 -15.39 -33.97 -22.26
CA PRO H 181 -15.85 -33.44 -23.55
C PRO H 181 -15.64 -31.94 -23.61
N THR H 182 -15.85 -31.30 -22.45
CA THR H 182 -15.70 -29.86 -22.36
C THR H 182 -14.25 -29.48 -22.23
N PHE H 183 -13.45 -30.28 -21.52
CA PHE H 183 -12.04 -29.94 -21.44
C PHE H 183 -11.52 -29.84 -22.86
N GLU H 184 -11.84 -30.86 -23.67
CA GLU H 184 -11.35 -30.96 -25.03
C GLU H 184 -11.84 -29.74 -25.80
N ARG H 185 -13.11 -29.38 -25.60
CA ARG H 185 -13.64 -28.27 -26.40
C ARG H 185 -12.91 -26.99 -26.01
N MET H 186 -12.64 -26.78 -24.72
CA MET H 186 -12.02 -25.53 -24.32
C MET H 186 -10.63 -25.47 -24.95
N LEU H 187 -10.00 -26.64 -25.04
CA LEU H 187 -8.66 -26.75 -25.60
C LEU H 187 -8.71 -26.37 -27.06
N TRP H 188 -9.81 -26.70 -27.73
CA TRP H 188 -9.87 -26.35 -29.14
C TRP H 188 -10.28 -24.90 -29.27
N ARG H 189 -10.99 -24.38 -28.28
CA ARG H 189 -11.39 -23.00 -28.43
C ARG H 189 -10.15 -22.15 -28.42
N VAL H 190 -9.20 -22.48 -27.54
CA VAL H 190 -8.05 -21.59 -27.44
C VAL H 190 -7.22 -21.75 -28.71
N CYS H 191 -7.30 -22.91 -29.32
CA CYS H 191 -6.70 -23.24 -30.60
C CYS H 191 -7.33 -24.57 -30.99
N ARG H 192 -7.98 -24.63 -32.14
CA ARG H 192 -8.70 -25.85 -32.51
C ARG H 192 -7.91 -26.63 -33.53
N GLY H 193 -7.70 -27.93 -33.29
CA GLY H 193 -7.23 -28.69 -34.42
C GLY H 193 -5.75 -28.56 -34.70
N ASN H 194 -4.97 -28.01 -33.77
CA ASN H 194 -3.57 -27.79 -34.07
C ASN H 194 -2.68 -28.95 -33.73
N VAL H 195 -2.96 -29.71 -32.69
CA VAL H 195 -2.00 -30.73 -32.28
C VAL H 195 -2.79 -31.98 -31.98
N PHE H 196 -2.10 -33.11 -32.04
CA PHE H 196 -2.81 -34.35 -31.79
C PHE H 196 -3.05 -34.47 -30.30
N LEU H 197 -4.21 -34.96 -29.94
CA LEU H 197 -4.54 -35.24 -28.56
C LEU H 197 -4.30 -36.72 -28.37
N ARG H 198 -3.43 -37.12 -27.45
CA ARG H 198 -3.17 -38.55 -27.39
C ARG H 198 -4.06 -39.03 -26.27
N GLN H 199 -4.75 -40.14 -26.51
CA GLN H 199 -5.52 -40.72 -25.43
C GLN H 199 -4.86 -41.96 -24.87
N ALA H 200 -5.05 -42.10 -23.57
CA ALA H 200 -4.55 -43.22 -22.79
C ALA H 200 -5.64 -43.51 -21.78
N GLU H 201 -5.68 -44.74 -21.29
CA GLU H 201 -6.67 -45.07 -20.26
C GLU H 201 -5.97 -45.86 -19.17
N ILE H 202 -6.57 -45.85 -18.00
CA ILE H 202 -6.08 -46.56 -16.83
C ILE H 202 -6.97 -47.76 -16.61
N GLU H 203 -6.39 -48.95 -16.56
CA GLU H 203 -7.21 -50.13 -16.34
C GLU H 203 -7.39 -50.30 -14.85
N ASN H 204 -8.63 -50.54 -14.44
CA ASN H 204 -8.96 -50.84 -13.05
C ASN H 204 -8.34 -49.77 -12.15
N PRO H 205 -8.71 -48.50 -12.31
CA PRO H 205 -8.19 -47.47 -11.41
C PRO H 205 -8.55 -47.79 -9.97
N LEU H 206 -7.72 -47.30 -9.07
CA LEU H 206 -7.94 -47.41 -7.63
C LEU H 206 -8.55 -46.14 -7.07
N GLU H 207 -8.72 -46.16 -5.74
CA GLU H 207 -9.38 -45.09 -5.01
C GLU H 207 -8.80 -43.73 -5.38
N ASP H 208 -9.70 -42.83 -5.75
CA ASP H 208 -9.30 -41.47 -6.13
C ASP H 208 -8.62 -40.75 -4.97
N PRO H 209 -7.47 -40.11 -5.18
CA PRO H 209 -6.77 -39.48 -4.05
C PRO H 209 -7.62 -38.43 -3.39
N VAL H 210 -8.60 -37.89 -4.10
CA VAL H 210 -9.42 -36.79 -3.63
C VAL H 210 -10.82 -37.30 -3.38
N THR H 211 -11.40 -37.97 -4.38
CA THR H 211 -12.78 -38.41 -4.33
C THR H 211 -12.88 -39.54 -3.33
N GLY H 212 -11.82 -40.34 -3.26
CA GLY H 212 -11.79 -41.52 -2.42
C GLY H 212 -12.51 -42.71 -2.99
N ASP H 213 -12.59 -42.82 -4.31
CA ASP H 213 -13.28 -43.96 -4.91
C ASP H 213 -12.50 -44.39 -6.15
N TYR H 214 -12.99 -45.44 -6.78
CA TYR H 214 -12.38 -45.99 -7.98
C TYR H 214 -13.27 -45.73 -9.18
N VAL H 215 -12.75 -44.97 -10.13
CA VAL H 215 -13.49 -44.53 -11.31
C VAL H 215 -12.56 -44.86 -12.46
N HIS H 216 -13.11 -44.99 -13.65
CA HIS H 216 -12.19 -45.09 -14.76
C HIS H 216 -11.58 -43.73 -15.06
N LYS H 217 -10.33 -43.76 -15.51
CA LYS H 217 -9.61 -42.54 -15.81
C LYS H 217 -8.98 -42.72 -17.18
N SER H 218 -8.97 -41.63 -17.93
CA SER H 218 -8.32 -41.60 -19.23
C SER H 218 -7.80 -40.20 -19.42
N VAL H 219 -6.77 -40.03 -20.23
CA VAL H 219 -6.24 -38.70 -20.38
C VAL H 219 -5.76 -38.48 -21.80
N PHE H 220 -5.91 -37.23 -22.20
CA PHE H 220 -5.48 -36.64 -23.46
C PHE H 220 -4.25 -35.80 -23.18
N ILE H 221 -3.10 -36.17 -23.71
CA ILE H 221 -1.91 -35.39 -23.45
C ILE H 221 -1.37 -34.88 -24.78
N ILE H 222 -1.09 -33.58 -24.79
CA ILE H 222 -0.66 -32.84 -25.96
C ILE H 222 0.72 -32.25 -25.71
N PHE H 223 1.63 -32.43 -26.64
CA PHE H 223 2.93 -31.79 -26.50
C PHE H 223 2.81 -30.51 -27.30
N PHE H 224 3.24 -29.38 -26.74
CA PHE H 224 3.23 -28.14 -27.51
C PHE H 224 4.64 -27.63 -27.71
N GLN H 225 4.89 -27.05 -28.88
CA GLN H 225 6.12 -26.29 -29.11
C GLN H 225 6.06 -24.85 -28.62
N GLY H 226 4.89 -24.21 -28.64
CA GLY H 226 4.79 -22.82 -28.22
C GLY H 226 4.56 -22.64 -26.73
N ASP H 227 5.13 -21.55 -26.20
CA ASP H 227 5.05 -21.29 -24.77
C ASP H 227 3.67 -20.78 -24.42
N GLN H 228 3.04 -20.08 -25.36
CA GLN H 228 1.77 -19.44 -25.08
C GLN H 228 0.72 -20.50 -24.88
N LEU H 229 0.87 -21.62 -25.58
CA LEU H 229 -0.11 -22.67 -25.49
C LEU H 229 0.18 -23.49 -24.26
N LYS H 230 1.46 -23.65 -23.89
CA LYS H 230 1.73 -24.35 -22.65
C LYS H 230 1.10 -23.57 -21.50
N ASN H 231 1.21 -22.25 -21.53
CA ASN H 231 0.67 -21.48 -20.42
C ASN H 231 -0.85 -21.55 -20.45
N ARG H 232 -1.41 -21.54 -21.66
CA ARG H 232 -2.84 -21.55 -21.85
C ARG H 232 -3.40 -22.82 -21.25
N VAL H 233 -2.82 -23.96 -21.62
CA VAL H 233 -3.38 -25.22 -21.19
C VAL H 233 -3.03 -25.45 -19.74
N LYS H 234 -1.95 -24.86 -19.24
CA LYS H 234 -1.71 -24.96 -17.81
C LYS H 234 -2.89 -24.37 -17.07
N LYS H 235 -3.31 -23.16 -17.47
CA LYS H 235 -4.42 -22.50 -16.81
C LYS H 235 -5.69 -23.34 -16.97
N ILE H 236 -5.86 -23.92 -18.16
CA ILE H 236 -7.04 -24.72 -18.46
C ILE H 236 -7.08 -25.95 -17.57
N CYS H 237 -5.93 -26.62 -17.44
CA CYS H 237 -5.91 -27.87 -16.70
C CYS H 237 -6.08 -27.57 -15.23
N GLU H 238 -5.67 -26.37 -14.82
CA GLU H 238 -5.87 -26.00 -13.43
C GLU H 238 -7.34 -25.81 -13.18
N GLY H 239 -8.02 -25.18 -14.14
CA GLY H 239 -9.46 -25.03 -14.03
C GLY H 239 -10.17 -26.36 -14.19
N PHE H 240 -9.66 -27.22 -15.06
CA PHE H 240 -10.24 -28.54 -15.25
C PHE H 240 -9.77 -29.52 -14.18
N ARG H 241 -10.61 -30.54 -13.93
CA ARG H 241 -10.37 -31.59 -12.94
C ARG H 241 -9.31 -32.58 -13.44
N ALA H 242 -8.04 -32.17 -13.41
CA ALA H 242 -7.01 -32.99 -14.02
C ALA H 242 -5.66 -32.81 -13.35
N SER H 243 -4.86 -33.88 -13.38
CA SER H 243 -3.47 -33.86 -12.93
C SER H 243 -2.58 -34.09 -14.15
N LEU H 244 -2.07 -32.99 -14.71
CA LEU H 244 -1.13 -33.00 -15.84
C LEU H 244 0.06 -32.12 -15.45
N TYR H 245 0.82 -32.56 -14.45
CA TYR H 245 1.89 -31.77 -13.85
C TYR H 245 3.29 -32.07 -14.39
N PRO H 246 3.70 -33.33 -14.52
CA PRO H 246 5.04 -33.61 -15.04
C PRO H 246 5.10 -33.52 -16.55
N CYS H 247 6.32 -33.28 -17.06
CA CYS H 247 6.56 -33.30 -18.49
C CYS H 247 6.69 -34.74 -19.00
N PRO H 248 6.08 -35.04 -20.15
CA PRO H 248 6.33 -36.34 -20.80
C PRO H 248 7.74 -36.45 -21.33
N GLU H 249 8.30 -37.66 -21.24
CA GLU H 249 9.66 -37.94 -21.68
C GLU H 249 9.66 -39.28 -22.40
N THR H 250 10.40 -39.37 -23.50
CA THR H 250 10.37 -40.65 -24.18
C THR H 250 11.67 -41.34 -23.79
N PRO H 251 12.70 -40.55 -23.49
CA PRO H 251 14.01 -41.12 -23.17
C PRO H 251 13.94 -42.20 -22.11
N GLN H 252 14.81 -43.19 -22.23
CA GLN H 252 14.76 -44.34 -21.33
C GLN H 252 15.05 -43.88 -19.91
N GLU H 253 15.87 -42.83 -19.80
CA GLU H 253 16.33 -42.33 -18.51
C GLU H 253 15.15 -41.97 -17.62
N ARG H 254 14.13 -41.36 -18.20
CA ARG H 254 12.98 -41.01 -17.37
C ARG H 254 12.25 -42.29 -16.99
N LYS H 255 12.19 -43.28 -17.89
CA LYS H 255 11.49 -44.50 -17.51
C LYS H 255 12.20 -45.14 -16.34
N GLU H 256 13.53 -45.07 -16.32
CA GLU H 256 14.29 -45.67 -15.23
C GLU H 256 14.04 -44.89 -13.94
N MET H 257 13.91 -43.57 -14.06
CA MET H 257 13.62 -42.72 -12.92
C MET H 257 12.27 -43.10 -12.33
N ALA H 258 11.29 -43.28 -13.21
CA ALA H 258 9.96 -43.65 -12.77
C ALA H 258 10.01 -45.01 -12.09
N SER H 259 10.80 -45.93 -12.64
CA SER H 259 10.86 -47.26 -12.03
C SER H 259 11.41 -47.10 -10.61
N GLY H 260 12.43 -46.26 -10.49
CA GLY H 260 13.09 -46.05 -9.21
C GLY H 260 12.09 -45.54 -8.20
N VAL H 261 11.35 -44.49 -8.57
CA VAL H 261 10.45 -43.89 -7.61
C VAL H 261 9.29 -44.84 -7.35
N ASN H 262 8.92 -45.66 -8.34
CA ASN H 262 7.83 -46.60 -8.12
C ASN H 262 8.23 -47.64 -7.10
N THR H 263 9.51 -47.99 -7.05
CA THR H 263 9.96 -48.90 -6.01
C THR H 263 9.99 -48.18 -4.68
N ARG H 264 10.48 -46.94 -4.68
CA ARG H 264 10.70 -46.26 -3.41
C ARG H 264 9.37 -46.08 -2.72
N ILE H 265 8.34 -45.72 -3.49
CA ILE H 265 7.07 -45.40 -2.88
C ILE H 265 6.50 -46.67 -2.28
N ASP H 266 6.81 -47.82 -2.91
CA ASP H 266 6.31 -49.08 -2.38
C ASP H 266 6.95 -49.32 -1.03
N ASP H 267 8.22 -48.93 -0.92
CA ASP H 267 8.91 -49.12 0.34
C ASP H 267 8.32 -48.18 1.38
N LEU H 268 7.95 -46.98 0.95
CA LEU H 268 7.37 -46.05 1.91
C LEU H 268 6.01 -46.53 2.35
N GLN H 269 5.26 -47.19 1.46
CA GLN H 269 3.95 -47.70 1.84
C GLN H 269 4.12 -48.82 2.87
N MET H 270 5.15 -49.63 2.69
CA MET H 270 5.43 -50.68 3.65
C MET H 270 5.78 -50.09 5.00
N VAL H 271 6.53 -48.99 4.99
CA VAL H 271 6.84 -48.30 6.23
C VAL H 271 5.55 -47.76 6.83
N LEU H 272 4.70 -47.15 6.02
CA LEU H 272 3.46 -46.63 6.55
C LEU H 272 2.72 -47.75 7.27
N ASN H 273 2.59 -48.89 6.59
CA ASN H 273 1.83 -50.00 7.12
C ASN H 273 2.41 -50.42 8.46
N GLN H 274 3.75 -50.37 8.56
CA GLN H 274 4.40 -50.79 9.79
C GLN H 274 4.14 -49.78 10.90
N THR H 275 4.15 -48.49 10.56
CA THR H 275 4.01 -47.50 11.61
C THR H 275 2.58 -47.50 12.11
N GLU H 276 1.65 -47.80 11.21
CA GLU H 276 0.25 -47.87 11.61
C GLU H 276 0.00 -49.09 12.49
N ASP H 277 0.60 -50.24 12.17
CA ASP H 277 0.42 -51.39 13.05
C ASP H 277 1.04 -51.12 14.42
N HIS H 278 2.19 -50.43 14.45
CA HIS H 278 2.78 -50.12 15.74
C HIS H 278 1.83 -49.21 16.49
N ARG H 279 1.32 -48.20 15.79
CA ARG H 279 0.43 -47.24 16.43
C ARG H 279 -0.74 -47.95 17.05
N GLN H 280 -1.29 -48.95 16.35
CA GLN H 280 -2.43 -49.67 16.88
C GLN H 280 -2.04 -50.45 18.14
N ARG H 281 -0.82 -50.98 18.17
CA ARG H 281 -0.41 -51.74 19.34
C ARG H 281 -0.28 -50.78 20.53
N VAL H 282 0.25 -49.60 20.22
CA VAL H 282 0.48 -48.57 21.22
C VAL H 282 -0.85 -48.08 21.74
N LEU H 283 -1.80 -47.88 20.82
CA LEU H 283 -3.11 -47.40 21.19
C LEU H 283 -3.84 -48.42 22.05
N GLN H 284 -3.72 -49.73 21.78
CA GLN H 284 -4.43 -50.66 22.65
C GLN H 284 -3.85 -50.64 24.06
N ALA H 285 -2.51 -50.62 24.16
CA ALA H 285 -1.92 -50.64 25.49
C ALA H 285 -2.28 -49.36 26.22
N ALA H 286 -2.24 -48.24 25.49
CA ALA H 286 -2.56 -46.96 26.10
C ALA H 286 -4.02 -46.95 26.46
N ALA H 287 -4.86 -47.59 25.64
CA ALA H 287 -6.29 -47.54 25.87
C ALA H 287 -6.58 -48.11 27.25
N LYS H 288 -5.91 -49.21 27.59
CA LYS H 288 -6.16 -49.81 28.89
C LYS H 288 -5.58 -48.93 29.99
N ASN H 289 -4.37 -48.43 29.77
CA ASN H 289 -3.65 -47.74 30.82
C ASN H 289 -4.33 -46.41 31.08
N ILE H 290 -4.79 -45.80 30.00
CA ILE H 290 -5.37 -44.48 30.00
C ILE H 290 -6.76 -44.56 30.60
N ARG H 291 -7.57 -45.56 30.23
CA ARG H 291 -8.92 -45.58 30.77
C ARG H 291 -8.84 -45.65 32.29
N VAL H 292 -7.93 -46.49 32.79
CA VAL H 292 -7.81 -46.65 34.23
C VAL H 292 -7.22 -45.38 34.84
N TRP H 293 -6.14 -44.89 34.25
CA TRP H 293 -5.50 -43.70 34.77
C TRP H 293 -6.46 -42.54 34.66
N PHE H 294 -7.21 -42.49 33.57
CA PHE H 294 -8.14 -41.40 33.33
C PHE H 294 -9.08 -41.29 34.50
N ILE H 295 -9.61 -42.43 34.94
CA ILE H 295 -10.53 -42.31 36.05
C ILE H 295 -9.75 -41.85 37.27
N LYS H 296 -8.55 -42.40 37.46
CA LYS H 296 -7.78 -42.01 38.64
C LYS H 296 -7.53 -40.51 38.62
N VAL H 297 -7.31 -39.97 37.44
CA VAL H 297 -7.06 -38.54 37.27
C VAL H 297 -8.29 -37.77 37.61
N ARG H 298 -9.45 -38.26 37.17
CA ARG H 298 -10.66 -37.55 37.49
C ARG H 298 -10.78 -37.47 39.00
N LYS H 299 -10.37 -38.54 39.68
CA LYS H 299 -10.46 -38.52 41.13
C LYS H 299 -9.46 -37.51 41.66
N MET H 300 -8.30 -37.45 41.04
CA MET H 300 -7.28 -36.50 41.48
C MET H 300 -7.89 -35.11 41.45
N LYS H 301 -8.56 -34.81 40.33
CA LYS H 301 -9.08 -33.48 40.15
C LYS H 301 -10.11 -33.22 41.23
N ALA H 302 -10.90 -34.25 41.52
CA ALA H 302 -11.96 -34.13 42.49
C ALA H 302 -11.35 -33.75 43.83
N ILE H 303 -10.21 -34.36 44.11
CA ILE H 303 -9.55 -34.14 45.39
C ILE H 303 -9.06 -32.72 45.42
N TYR H 304 -8.47 -32.26 44.32
CA TYR H 304 -7.90 -30.93 44.38
C TYR H 304 -9.02 -29.93 44.49
N HIS H 305 -10.15 -30.22 43.86
CA HIS H 305 -11.28 -29.33 43.93
C HIS H 305 -11.70 -29.19 45.37
N THR H 306 -11.83 -30.33 46.05
CA THR H 306 -12.25 -30.33 47.44
C THR H 306 -11.24 -29.56 48.27
N LEU H 307 -9.97 -29.76 47.97
CA LEU H 307 -8.90 -29.11 48.72
C LEU H 307 -8.95 -27.60 48.52
N ASN H 308 -9.48 -27.15 47.40
CA ASN H 308 -9.64 -25.71 47.23
C ASN H 308 -10.71 -25.19 48.17
N LEU H 309 -11.72 -26.01 48.45
CA LEU H 309 -12.85 -25.62 49.29
C LEU H 309 -12.43 -25.77 50.75
N CYS H 310 -11.55 -24.86 51.17
CA CYS H 310 -11.03 -24.89 52.53
C CYS H 310 -10.52 -23.50 52.88
N ASN H 311 -10.08 -23.36 54.13
CA ASN H 311 -9.32 -22.20 54.57
C ASN H 311 -7.89 -22.56 54.94
N ILE H 312 -6.95 -21.76 54.44
CA ILE H 312 -5.53 -22.01 54.63
C ILE H 312 -5.08 -21.28 55.90
N ASP H 313 -4.44 -22.01 56.79
CA ASP H 313 -3.96 -21.43 58.03
C ASP H 313 -2.76 -20.54 57.77
N VAL H 314 -2.52 -19.61 58.69
CA VAL H 314 -1.34 -18.77 58.67
C VAL H 314 -0.26 -19.31 59.59
N THR H 315 -0.66 -19.85 60.75
CA THR H 315 0.32 -20.28 61.74
C THR H 315 1.17 -21.43 61.20
N GLN H 316 0.52 -22.44 60.63
CA GLN H 316 1.21 -23.58 60.06
C GLN H 316 0.60 -23.87 58.70
N LYS H 317 1.37 -24.52 57.82
CA LYS H 317 0.83 -24.75 56.49
C LYS H 317 -0.18 -25.87 56.64
N CYS H 318 -1.29 -25.52 57.26
CA CYS H 318 -2.37 -26.43 57.58
C CYS H 318 -3.66 -25.82 57.07
N LEU H 319 -4.62 -26.68 56.79
CA LEU H 319 -5.96 -26.24 56.40
C LEU H 319 -6.95 -26.65 57.47
N ILE H 320 -7.98 -25.83 57.65
CA ILE H 320 -9.11 -26.21 58.47
C ILE H 320 -10.33 -26.26 57.55
N ALA H 321 -11.11 -27.31 57.72
CA ALA H 321 -12.28 -27.60 56.91
C ALA H 321 -13.46 -27.96 57.79
N GLU H 322 -14.67 -27.63 57.34
CA GLU H 322 -15.85 -27.93 58.13
C GLU H 322 -16.68 -28.93 57.34
N VAL H 323 -17.24 -29.91 58.04
CA VAL H 323 -18.12 -30.89 57.40
C VAL H 323 -19.35 -31.01 58.27
N TRP H 324 -20.45 -31.33 57.64
CA TRP H 324 -21.68 -31.65 58.35
C TRP H 324 -21.90 -33.16 58.31
N CYS H 325 -21.79 -33.81 59.46
CA CYS H 325 -21.94 -35.24 59.41
C CYS H 325 -22.62 -35.71 60.68
N PRO H 326 -23.43 -36.76 60.61
CA PRO H 326 -24.04 -37.33 61.82
C PRO H 326 -22.98 -38.03 62.65
N VAL H 327 -23.34 -38.33 63.91
CA VAL H 327 -22.34 -38.93 64.78
C VAL H 327 -21.89 -40.26 64.19
N THR H 328 -22.83 -41.06 63.63
CA THR H 328 -22.47 -42.37 63.11
C THR H 328 -21.32 -42.18 62.14
N ASP H 329 -21.48 -41.16 61.31
CA ASP H 329 -20.52 -40.94 60.28
C ASP H 329 -19.29 -40.35 60.93
N LEU H 330 -19.47 -39.50 61.94
CA LEU H 330 -18.31 -38.87 62.55
C LEU H 330 -17.38 -39.92 63.19
N ASP H 331 -17.95 -40.98 63.77
CA ASP H 331 -17.11 -42.04 64.33
C ASP H 331 -16.40 -42.78 63.20
N SER H 332 -17.15 -43.01 62.12
CA SER H 332 -16.55 -43.74 61.02
C SER H 332 -15.44 -42.90 60.43
N ILE H 333 -15.67 -41.59 60.36
CA ILE H 333 -14.70 -40.68 59.81
C ILE H 333 -13.47 -40.63 60.67
N GLN H 334 -13.65 -40.58 62.00
CA GLN H 334 -12.45 -40.52 62.82
C GLN H 334 -11.58 -41.72 62.49
N PHE H 335 -12.22 -42.88 62.29
CA PHE H 335 -11.43 -44.07 61.98
C PHE H 335 -10.82 -43.92 60.60
N ALA H 336 -11.60 -43.36 59.69
CA ALA H 336 -11.14 -43.11 58.34
C ALA H 336 -9.98 -42.15 58.37
N LEU H 337 -10.05 -41.15 59.25
CA LEU H 337 -8.99 -40.18 59.35
C LEU H 337 -7.72 -40.85 59.82
N ARG H 338 -7.85 -41.83 60.71
CA ARG H 338 -6.61 -42.45 61.16
C ARG H 338 -6.01 -43.20 59.99
N ARG H 339 -6.88 -43.87 59.22
CA ARG H 339 -6.42 -44.61 58.04
C ARG H 339 -5.74 -43.68 57.04
N GLY H 340 -6.36 -42.53 56.81
CA GLY H 340 -5.83 -41.58 55.83
C GLY H 340 -4.48 -41.07 56.28
N THR H 341 -4.40 -40.65 57.55
CA THR H 341 -3.19 -40.00 57.98
C THR H 341 -2.10 -41.03 57.99
N GLU H 342 -2.48 -42.29 58.24
CA GLU H 342 -1.51 -43.36 58.22
C GLU H 342 -1.01 -43.58 56.81
N HIS H 343 -1.85 -43.37 55.79
CA HIS H 343 -1.26 -43.55 54.47
C HIS H 343 -0.25 -42.45 54.20
N SER H 344 -0.55 -41.21 54.64
CA SER H 344 0.39 -40.12 54.47
C SER H 344 1.61 -40.36 55.35
N GLY H 345 2.80 -40.02 54.87
CA GLY H 345 3.94 -40.31 55.72
C GLY H 345 4.00 -39.55 57.03
N SER H 346 3.33 -38.39 57.13
CA SER H 346 3.39 -37.58 58.36
C SER H 346 2.51 -38.01 59.52
N THR H 347 1.53 -38.89 59.30
CA THR H 347 0.60 -39.33 60.35
C THR H 347 0.25 -38.16 61.27
N VAL H 348 -0.28 -37.10 60.68
CA VAL H 348 -0.66 -35.95 61.51
C VAL H 348 -1.95 -36.27 62.27
N PRO H 349 -2.02 -36.00 63.58
CA PRO H 349 -3.25 -36.35 64.32
C PRO H 349 -4.55 -35.86 63.69
N SER H 350 -4.55 -34.68 63.07
CA SER H 350 -5.69 -34.16 62.32
C SER H 350 -6.91 -34.04 63.24
N ILE H 351 -6.86 -33.08 64.16
CA ILE H 351 -7.97 -32.98 65.10
C ILE H 351 -9.23 -32.43 64.43
N LEU H 352 -10.35 -33.12 64.64
CA LEU H 352 -11.69 -32.66 64.29
C LEU H 352 -12.44 -32.26 65.55
N ASN H 353 -12.82 -30.99 65.63
CA ASN H 353 -13.45 -30.42 66.82
C ASN H 353 -14.95 -30.30 66.56
N ARG H 354 -15.76 -30.94 67.41
CA ARG H 354 -17.21 -30.83 67.26
C ARG H 354 -17.65 -29.39 67.53
N MET H 355 -18.62 -28.92 66.74
CA MET H 355 -19.13 -27.56 66.87
C MET H 355 -20.65 -27.56 66.95
N GLN H 356 -21.19 -26.63 67.75
CA GLN H 356 -22.64 -26.52 67.91
C GLN H 356 -23.17 -25.26 67.23
N THR H 357 -22.76 -25.05 65.99
CA THR H 357 -23.17 -23.88 65.22
C THR H 357 -24.25 -24.23 64.20
#